data_9LHR
#
_entry.id   9LHR
#
_cell.length_a   219.750
_cell.length_b   47.560
_cell.length_c   66.770
_cell.angle_alpha   90.000
_cell.angle_beta   92.222
_cell.angle_gamma   90.000
#
_symmetry.space_group_name_H-M   'C 1 2 1'
#
loop_
_entity.id
_entity.type
_entity.pdbx_description
1 polymer 'DUF3494 domain-containing protein'
2 water water
#
_entity_poly.entity_id   1
_entity_poly.type   'polypeptide(L)'
_entity_poly.pdbx_seq_one_letter_code
;GSHMASPAPVDLGRAGDFVILAKSGISTSGATHVTGDIGVSPIDRTGLTGFSETMDPSNTFSTSTYVVAPGKLYAADYAD
PTPAKLTTAVSAMEAAYTDAGGRTGGLSVPGAGTILPATTLPAGVYTWSTGVTIPTGVTLEGGPDDVWIFQIAGTLDIAT
DMQVLLKGGAQAKNIFWQVGDVVTLHAGSHFEGNILGFSTIAMQTGASINGKLLSQKEVTLLGSDILTPAP
;
_entity_poly.pdbx_strand_id   A,B,C
#
# COMPACT_ATOMS: atom_id res chain seq x y z
N SER A 6 -36.74 -17.77 -39.54
CA SER A 6 -37.01 -18.22 -38.15
C SER A 6 -36.30 -19.55 -37.89
N PRO A 7 -35.36 -19.61 -36.90
CA PRO A 7 -34.62 -20.84 -36.66
C PRO A 7 -35.46 -21.95 -36.03
N ALA A 8 -34.95 -23.18 -36.08
CA ALA A 8 -35.57 -24.35 -35.40
C ALA A 8 -35.54 -24.08 -33.90
N PRO A 9 -36.57 -24.45 -33.13
CA PRO A 9 -36.52 -24.24 -31.68
C PRO A 9 -35.36 -25.06 -31.07
N VAL A 10 -34.93 -24.67 -29.87
CA VAL A 10 -33.95 -25.46 -29.08
C VAL A 10 -34.73 -26.49 -28.28
N ASP A 11 -34.38 -27.77 -28.38
CA ASP A 11 -35.07 -28.85 -27.63
C ASP A 11 -34.45 -28.87 -26.23
N LEU A 12 -35.24 -28.57 -25.20
CA LEU A 12 -34.78 -28.55 -23.78
C LEU A 12 -34.78 -29.97 -23.21
N GLY A 13 -35.43 -30.89 -23.91
CA GLY A 13 -35.60 -32.26 -23.42
C GLY A 13 -36.06 -32.28 -21.99
N ARG A 14 -35.49 -33.14 -21.16
CA ARG A 14 -35.98 -33.34 -19.77
C ARG A 14 -35.68 -32.07 -18.93
N ALA A 15 -34.81 -31.17 -19.35
CA ALA A 15 -34.62 -29.90 -18.61
C ALA A 15 -35.91 -29.06 -18.66
N GLY A 16 -36.70 -29.22 -19.72
CA GLY A 16 -37.99 -28.53 -19.87
C GLY A 16 -39.01 -28.97 -18.84
N ASP A 17 -38.79 -30.04 -18.07
CA ASP A 17 -39.70 -30.46 -16.96
C ASP A 17 -39.57 -29.51 -15.75
N PHE A 18 -38.60 -28.61 -15.78
CA PHE A 18 -38.29 -27.65 -14.69
C PHE A 18 -38.55 -26.24 -15.14
N VAL A 19 -38.89 -25.41 -14.16
CA VAL A 19 -38.88 -23.93 -14.31
C VAL A 19 -37.55 -23.36 -13.81
N ILE A 20 -36.94 -23.98 -12.80
CA ILE A 20 -35.55 -23.62 -12.39
C ILE A 20 -34.76 -24.90 -12.25
N LEU A 21 -33.60 -24.91 -12.89
CA LEU A 21 -32.65 -26.04 -12.79
C LEU A 21 -31.26 -25.43 -12.66
N ALA A 22 -30.53 -25.81 -11.61
CA ALA A 22 -29.20 -25.20 -11.35
C ALA A 22 -28.25 -26.30 -10.90
N LYS A 23 -27.00 -26.19 -11.33
CA LYS A 23 -25.98 -27.18 -10.94
C LYS A 23 -25.43 -26.88 -9.54
N SER A 24 -25.35 -25.62 -9.12
CA SER A 24 -24.65 -25.22 -7.87
C SER A 24 -25.58 -24.63 -6.83
N GLY A 25 -26.89 -24.57 -7.04
CA GLY A 25 -27.77 -24.12 -5.95
C GLY A 25 -28.83 -23.16 -6.45
N ILE A 26 -29.88 -23.05 -5.66
CA ILE A 26 -30.91 -21.98 -5.77
C ILE A 26 -31.12 -21.37 -4.40
N SER A 27 -31.04 -20.05 -4.31
CA SER A 27 -31.32 -19.30 -3.07
C SER A 27 -32.55 -18.41 -3.26
N THR A 28 -33.30 -18.19 -2.19
CA THR A 28 -34.42 -17.23 -2.22
C THR A 28 -34.46 -16.45 -0.91
N SER A 29 -34.85 -15.20 -1.02
CA SER A 29 -35.37 -14.43 0.11
C SER A 29 -36.54 -13.63 -0.42
N GLY A 30 -37.35 -13.09 0.50
CA GLY A 30 -38.51 -12.27 0.16
C GLY A 30 -39.64 -13.10 -0.40
N ALA A 31 -40.69 -12.46 -0.94
CA ALA A 31 -41.95 -13.13 -1.35
C ALA A 31 -41.82 -13.67 -2.77
N THR A 32 -41.00 -14.69 -2.93
CA THR A 32 -40.75 -15.37 -4.22
C THR A 32 -41.97 -16.24 -4.57
N HIS A 33 -42.30 -16.32 -5.86
CA HIS A 33 -43.39 -17.21 -6.36
C HIS A 33 -42.84 -17.94 -7.57
N VAL A 34 -42.72 -19.26 -7.49
CA VAL A 34 -42.30 -20.14 -8.60
C VAL A 34 -43.47 -21.04 -8.95
N THR A 35 -43.89 -21.08 -10.22
CA THR A 35 -44.97 -22.00 -10.66
C THR A 35 -44.32 -23.07 -11.53
N GLY A 36 -44.01 -24.20 -10.95
CA GLY A 36 -43.32 -25.24 -11.69
C GLY A 36 -42.35 -25.92 -10.75
N ASP A 37 -41.66 -26.92 -11.25
CA ASP A 37 -40.71 -27.69 -10.43
C ASP A 37 -39.33 -27.01 -10.46
N ILE A 38 -38.57 -27.17 -9.39
CA ILE A 38 -37.17 -26.69 -9.37
C ILE A 38 -36.26 -27.86 -9.00
N GLY A 39 -35.03 -27.77 -9.45
CA GLY A 39 -34.07 -28.85 -9.17
C GLY A 39 -32.66 -28.35 -9.08
N VAL A 40 -31.87 -29.03 -8.23
CA VAL A 40 -30.41 -28.76 -8.09
C VAL A 40 -29.69 -30.10 -8.24
N SER A 41 -28.66 -30.11 -9.09
CA SER A 41 -27.81 -31.29 -9.32
C SER A 41 -26.60 -30.84 -10.10
N PRO A 42 -25.37 -31.28 -9.80
CA PRO A 42 -25.09 -32.34 -8.80
C PRO A 42 -24.93 -31.91 -7.33
N ILE A 43 -25.10 -30.63 -7.03
CA ILE A 43 -25.10 -30.19 -5.61
C ILE A 43 -26.26 -30.87 -4.84
N ASP A 44 -26.06 -31.10 -3.56
CA ASP A 44 -27.01 -31.78 -2.66
C ASP A 44 -28.05 -30.75 -2.18
N ARG A 45 -28.92 -31.19 -1.30
CA ARG A 45 -30.10 -30.41 -0.85
C ARG A 45 -29.63 -29.15 -0.09
N THR A 46 -28.42 -29.10 0.48
CA THR A 46 -27.96 -27.87 1.20
C THR A 46 -27.68 -26.73 0.20
N GLY A 47 -27.69 -27.01 -1.10
CA GLY A 47 -27.62 -26.02 -2.18
C GLY A 47 -28.94 -25.29 -2.38
N LEU A 48 -30.05 -25.79 -1.83
CA LEU A 48 -31.32 -25.04 -1.73
C LEU A 48 -31.29 -24.20 -0.45
N THR A 49 -31.34 -22.89 -0.57
CA THR A 49 -31.24 -22.00 0.60
C THR A 49 -32.43 -21.03 0.64
N GLY A 50 -33.01 -20.88 1.83
CA GLY A 50 -34.09 -19.93 2.11
C GLY A 50 -35.48 -20.48 1.78
N PHE A 51 -35.59 -21.75 1.37
CA PHE A 51 -36.89 -22.33 0.95
C PHE A 51 -37.70 -22.86 2.13
N SER A 52 -37.13 -23.04 3.33
CA SER A 52 -37.90 -23.68 4.44
C SER A 52 -38.70 -24.87 3.91
N GLU A 53 -38.06 -25.80 3.21
CA GLU A 53 -38.74 -26.90 2.51
C GLU A 53 -38.98 -28.04 3.49
N THR A 54 -40.03 -28.79 3.24
CA THR A 54 -40.41 -30.00 3.99
C THR A 54 -40.34 -31.21 3.09
N MET A 55 -39.59 -32.23 3.49
CA MET A 55 -39.48 -33.46 2.68
C MET A 55 -40.85 -34.13 2.59
N ASP A 56 -41.20 -34.61 1.40
CA ASP A 56 -42.28 -35.61 1.23
C ASP A 56 -41.86 -36.86 2.01
N PRO A 57 -42.81 -37.63 2.60
CA PRO A 57 -42.46 -38.90 3.25
C PRO A 57 -41.72 -39.92 2.37
N SER A 58 -41.84 -39.83 1.05
CA SER A 58 -41.09 -40.67 0.09
C SER A 58 -39.62 -40.28 0.10
N ASN A 59 -39.26 -39.09 0.58
CA ASN A 59 -37.92 -38.47 0.48
C ASN A 59 -37.48 -38.22 -0.96
N THR A 60 -38.38 -38.25 -1.94
CA THR A 60 -38.03 -38.06 -3.36
C THR A 60 -38.16 -36.60 -3.75
N PHE A 61 -38.85 -35.80 -2.96
CA PHE A 61 -39.01 -34.35 -3.24
C PHE A 61 -39.35 -33.64 -1.94
N SER A 62 -39.34 -32.33 -2.02
CA SER A 62 -39.79 -31.42 -0.94
C SER A 62 -40.76 -30.38 -1.48
N THR A 63 -41.44 -29.70 -0.56
CA THR A 63 -42.37 -28.61 -0.90
C THR A 63 -42.04 -27.37 -0.09
N SER A 64 -42.39 -26.20 -0.62
CA SER A 64 -42.03 -24.89 -0.02
C SER A 64 -43.14 -23.91 -0.34
N THR A 65 -43.40 -22.99 0.58
CA THR A 65 -44.23 -21.79 0.36
C THR A 65 -43.81 -21.08 -0.96
N TYR A 66 -42.53 -21.11 -1.31
CA TYR A 66 -42.05 -20.28 -2.47
C TYR A 66 -42.32 -21.02 -3.79
N VAL A 67 -42.63 -22.31 -3.75
CA VAL A 67 -42.91 -23.13 -4.97
C VAL A 67 -44.41 -23.45 -4.89
N VAL A 68 -45.19 -22.70 -5.65
CA VAL A 68 -46.68 -22.77 -5.60
C VAL A 68 -47.13 -24.19 -5.95
N ALA A 69 -48.14 -24.70 -5.24
CA ALA A 69 -48.62 -26.07 -5.48
C ALA A 69 -49.13 -26.17 -6.93
N PRO A 70 -48.97 -27.31 -7.63
CA PRO A 70 -48.32 -28.53 -7.12
C PRO A 70 -46.81 -28.67 -7.38
N GLY A 71 -46.13 -27.55 -7.60
CA GLY A 71 -44.68 -27.47 -7.82
C GLY A 71 -43.92 -28.15 -6.70
N LYS A 72 -42.83 -28.84 -7.06
CA LYS A 72 -41.98 -29.59 -6.10
C LYS A 72 -40.52 -29.23 -6.31
N LEU A 73 -39.75 -29.43 -5.25
CA LEU A 73 -38.27 -29.26 -5.24
C LEU A 73 -37.62 -30.64 -5.29
N TYR A 74 -36.55 -30.74 -6.04
CA TYR A 74 -35.73 -31.95 -6.28
C TYR A 74 -34.25 -31.59 -6.06
N ALA A 75 -33.53 -32.44 -5.35
CA ALA A 75 -32.07 -32.27 -5.11
C ALA A 75 -31.35 -33.60 -5.34
N ALA A 76 -30.07 -33.55 -5.71
CA ALA A 76 -29.30 -34.72 -6.18
C ALA A 76 -29.20 -35.81 -5.11
N ASP A 77 -29.39 -35.48 -3.82
CA ASP A 77 -29.19 -36.45 -2.70
C ASP A 77 -30.55 -36.84 -2.14
N TYR A 78 -31.64 -36.57 -2.87
CA TYR A 78 -32.96 -37.11 -2.51
C TYR A 78 -33.02 -38.59 -2.93
N ALA A 79 -34.07 -39.27 -2.49
CA ALA A 79 -34.30 -40.72 -2.69
C ALA A 79 -34.49 -41.02 -4.18
N ASP A 80 -34.05 -42.20 -4.62
CA ASP A 80 -34.31 -42.71 -5.99
C ASP A 80 -35.81 -42.60 -6.23
N PRO A 81 -36.25 -42.18 -7.44
CA PRO A 81 -35.42 -42.00 -8.62
C PRO A 81 -34.99 -40.55 -8.93
N THR A 82 -34.97 -39.71 -7.89
CA THR A 82 -34.72 -38.26 -8.07
C THR A 82 -33.31 -38.00 -8.57
N PRO A 83 -32.25 -38.64 -8.05
CA PRO A 83 -30.91 -38.33 -8.55
C PRO A 83 -30.79 -38.57 -10.07
N ALA A 84 -31.34 -39.70 -10.55
CA ALA A 84 -31.32 -40.06 -11.98
C ALA A 84 -32.10 -39.02 -12.81
N LYS A 85 -33.30 -38.66 -12.35
CA LYS A 85 -34.15 -37.62 -12.98
C LYS A 85 -33.32 -36.34 -13.18
N LEU A 86 -32.61 -35.88 -12.15
CA LEU A 86 -31.84 -34.62 -12.22
C LEU A 86 -30.59 -34.76 -13.11
N THR A 87 -29.90 -35.90 -13.01
CA THR A 87 -28.75 -36.19 -13.89
C THR A 87 -29.18 -36.03 -15.36
N THR A 88 -30.31 -36.64 -15.72
CA THR A 88 -30.83 -36.62 -17.10
C THR A 88 -31.21 -35.18 -17.49
N ALA A 89 -31.85 -34.46 -16.59
CA ALA A 89 -32.33 -33.09 -16.89
C ALA A 89 -31.13 -32.17 -17.07
N VAL A 90 -30.10 -32.33 -16.25
CA VAL A 90 -28.90 -31.44 -16.29
C VAL A 90 -28.18 -31.72 -17.63
N SER A 91 -28.07 -32.99 -18.02
CA SER A 91 -27.45 -33.37 -19.33
C SER A 91 -28.24 -32.72 -20.48
N ALA A 92 -29.55 -32.66 -20.36
CA ALA A 92 -30.43 -32.01 -21.38
C ALA A 92 -30.18 -30.48 -21.44
N MET A 93 -30.04 -29.84 -20.29
CA MET A 93 -29.74 -28.41 -20.19
C MET A 93 -28.42 -28.15 -20.90
N GLU A 94 -27.41 -28.97 -20.65
CA GLU A 94 -26.08 -28.70 -21.25
C GLU A 94 -26.21 -28.88 -22.78
N ALA A 95 -26.94 -29.91 -23.24
CA ALA A 95 -27.10 -30.16 -24.70
C ALA A 95 -27.81 -28.96 -25.32
N ALA A 96 -28.83 -28.42 -24.64
CA ALA A 96 -29.63 -27.26 -25.09
C ALA A 96 -28.75 -26.03 -25.18
N TYR A 97 -27.97 -25.79 -24.14
CA TYR A 97 -27.00 -24.69 -24.09
C TYR A 97 -26.08 -24.77 -25.33
N THR A 98 -25.52 -25.93 -25.56
CA THR A 98 -24.58 -26.14 -26.67
C THR A 98 -25.27 -25.94 -28.01
N ASP A 99 -26.46 -26.51 -28.19
CA ASP A 99 -27.27 -26.35 -29.44
C ASP A 99 -27.47 -24.86 -29.71
N ALA A 100 -28.04 -24.12 -28.75
CA ALA A 100 -28.37 -22.68 -28.88
C ALA A 100 -27.12 -21.89 -29.26
N GLY A 101 -26.00 -22.09 -28.56
CA GLY A 101 -24.73 -21.39 -28.80
C GLY A 101 -24.08 -21.77 -30.15
N GLY A 102 -24.43 -22.94 -30.73
CA GLY A 102 -23.80 -23.46 -31.96
C GLY A 102 -24.51 -23.02 -33.23
N ARG A 103 -25.71 -22.43 -33.15
CA ARG A 103 -26.50 -22.10 -34.36
C ARG A 103 -25.71 -21.07 -35.17
N THR A 104 -25.75 -21.21 -36.50
CA THR A 104 -25.21 -20.19 -37.45
C THR A 104 -26.36 -19.30 -37.92
N GLY A 105 -26.04 -18.27 -38.69
CA GLY A 105 -27.03 -17.32 -39.25
C GLY A 105 -27.30 -16.17 -38.29
N GLY A 106 -26.47 -16.03 -37.24
CA GLY A 106 -26.57 -14.94 -36.25
C GLY A 106 -26.54 -13.55 -36.86
N LEU A 107 -27.48 -12.68 -36.46
CA LEU A 107 -27.54 -11.24 -36.79
C LEU A 107 -26.92 -10.37 -35.69
N SER A 108 -26.18 -9.35 -36.11
CA SER A 108 -25.69 -8.24 -35.27
C SER A 108 -26.81 -7.25 -34.99
N VAL A 109 -26.96 -6.88 -33.74
CA VAL A 109 -27.94 -5.85 -33.31
C VAL A 109 -27.16 -4.56 -33.05
N PRO A 110 -27.61 -3.46 -33.65
CA PRO A 110 -26.98 -2.16 -33.44
C PRO A 110 -26.81 -1.84 -31.95
N GLY A 111 -25.73 -1.15 -31.60
CA GLY A 111 -25.55 -0.66 -30.22
C GLY A 111 -24.34 -1.27 -29.52
N ALA A 112 -23.60 -2.15 -30.21
CA ALA A 112 -22.33 -2.71 -29.73
C ALA A 112 -22.55 -3.24 -28.29
N GLY A 113 -23.60 -4.02 -28.07
CA GLY A 113 -23.80 -4.68 -26.76
C GLY A 113 -24.85 -4.01 -25.94
N THR A 114 -25.33 -2.83 -26.37
CA THR A 114 -26.53 -2.18 -25.80
C THR A 114 -27.71 -2.40 -26.75
N ILE A 115 -28.88 -2.78 -26.23
CA ILE A 115 -30.13 -2.73 -27.04
C ILE A 115 -30.65 -1.30 -26.97
N LEU A 116 -30.59 -0.60 -28.11
CA LEU A 116 -30.92 0.84 -28.18
C LEU A 116 -32.42 1.04 -27.97
N PRO A 117 -32.84 2.29 -27.67
CA PRO A 117 -34.25 2.57 -27.40
C PRO A 117 -35.16 2.25 -28.59
N ALA A 118 -36.36 1.75 -28.28
CA ALA A 118 -37.46 1.44 -29.20
C ALA A 118 -36.98 0.44 -30.24
N THR A 119 -36.31 -0.63 -29.82
CA THR A 119 -35.88 -1.72 -30.73
C THR A 119 -36.93 -2.81 -30.75
N THR A 120 -37.30 -3.24 -31.95
CA THR A 120 -38.21 -4.40 -32.15
C THR A 120 -37.47 -5.43 -32.98
N LEU A 121 -37.32 -6.66 -32.47
CA LEU A 121 -36.60 -7.73 -33.17
C LEU A 121 -37.61 -8.75 -33.65
N PRO A 122 -37.61 -9.02 -34.98
CA PRO A 122 -38.30 -10.20 -35.50
C PRO A 122 -37.60 -11.52 -35.15
N ALA A 123 -38.29 -12.64 -35.40
CA ALA A 123 -37.73 -14.01 -35.26
C ALA A 123 -36.35 -14.09 -35.93
N GLY A 124 -35.41 -14.77 -35.27
CA GLY A 124 -34.04 -14.89 -35.76
C GLY A 124 -33.08 -15.39 -34.69
N VAL A 125 -31.84 -15.53 -35.12
CA VAL A 125 -30.65 -15.80 -34.26
C VAL A 125 -29.92 -14.47 -34.13
N TYR A 126 -29.62 -14.04 -32.90
CA TYR A 126 -28.98 -12.72 -32.62
C TYR A 126 -27.75 -13.01 -31.79
N THR A 127 -26.62 -12.41 -32.16
CA THR A 127 -25.30 -12.89 -31.71
C THR A 127 -24.51 -11.69 -31.21
N TRP A 128 -23.87 -11.83 -30.04
CA TRP A 128 -22.93 -10.81 -29.51
C TRP A 128 -21.71 -11.53 -28.95
N SER A 129 -20.51 -11.02 -29.27
CA SER A 129 -19.23 -11.52 -28.71
C SER A 129 -18.93 -10.81 -27.39
N THR A 130 -19.75 -9.82 -27.04
CA THR A 130 -19.70 -9.01 -25.80
C THR A 130 -20.81 -9.52 -24.88
N GLY A 131 -21.00 -8.84 -23.79
CA GLY A 131 -22.25 -8.93 -23.02
C GLY A 131 -23.32 -8.11 -23.72
N VAL A 132 -24.52 -8.13 -23.15
CA VAL A 132 -25.69 -7.34 -23.61
C VAL A 132 -26.29 -6.65 -22.40
N THR A 133 -26.63 -5.37 -22.55
CA THR A 133 -27.42 -4.62 -21.57
C THR A 133 -28.70 -4.17 -22.27
N ILE A 134 -29.83 -4.24 -21.56
CA ILE A 134 -31.19 -3.85 -22.04
C ILE A 134 -31.70 -2.77 -21.12
N PRO A 135 -31.15 -1.55 -21.27
CA PRO A 135 -31.47 -0.47 -20.34
C PRO A 135 -32.85 0.16 -20.46
N THR A 136 -33.56 -0.05 -21.57
CA THR A 136 -34.93 0.50 -21.71
C THR A 136 -35.89 -0.59 -22.21
N GLY A 137 -35.48 -1.86 -22.14
CA GLY A 137 -36.31 -3.00 -22.54
C GLY A 137 -36.23 -3.24 -24.03
N VAL A 138 -37.00 -4.21 -24.51
CA VAL A 138 -36.94 -4.61 -25.94
C VAL A 138 -38.28 -5.25 -26.30
N THR A 139 -38.63 -5.17 -27.59
CA THR A 139 -39.87 -5.79 -28.10
C THR A 139 -39.49 -6.90 -29.07
N LEU A 140 -40.15 -8.03 -28.93
CA LEU A 140 -39.99 -9.17 -29.86
C LEU A 140 -41.34 -9.34 -30.58
N GLU A 141 -41.34 -9.25 -31.91
CA GLU A 141 -42.58 -9.26 -32.71
C GLU A 141 -42.49 -10.45 -33.65
N GLY A 142 -43.49 -11.32 -33.59
CA GLY A 142 -43.61 -12.43 -34.53
C GLY A 142 -44.78 -13.30 -34.18
N GLY A 143 -44.95 -14.38 -34.92
CA GLY A 143 -46.11 -15.26 -34.75
C GLY A 143 -45.89 -16.32 -33.69
N PRO A 144 -46.96 -17.11 -33.44
CA PRO A 144 -46.93 -18.15 -32.43
C PRO A 144 -45.89 -19.27 -32.62
N ASP A 145 -45.35 -19.49 -33.83
CA ASP A 145 -44.32 -20.52 -34.09
C ASP A 145 -42.96 -19.87 -34.36
N ASP A 146 -42.88 -18.55 -34.29
CA ASP A 146 -41.57 -17.88 -34.49
C ASP A 146 -40.64 -18.12 -33.29
N VAL A 147 -39.35 -18.24 -33.58
CA VAL A 147 -38.29 -18.56 -32.59
C VAL A 147 -37.23 -17.47 -32.55
N TRP A 148 -36.74 -17.18 -31.34
CA TRP A 148 -35.67 -16.19 -31.08
C TRP A 148 -34.59 -16.97 -30.36
N ILE A 149 -33.39 -16.93 -30.89
CA ILE A 149 -32.20 -17.47 -30.18
C ILE A 149 -31.22 -16.32 -30.01
N PHE A 150 -30.95 -15.96 -28.76
CA PHE A 150 -29.97 -14.92 -28.39
C PHE A 150 -28.69 -15.65 -27.93
N GLN A 151 -27.58 -15.30 -28.56
CA GLN A 151 -26.26 -15.94 -28.36
C GLN A 151 -25.40 -14.84 -27.75
N ILE A 152 -25.17 -14.90 -26.46
CA ILE A 152 -24.47 -13.79 -25.73
C ILE A 152 -23.22 -14.37 -25.09
N ALA A 153 -22.06 -13.98 -25.59
CA ALA A 153 -20.77 -14.51 -25.06
C ALA A 153 -20.54 -13.99 -23.64
N GLY A 154 -20.97 -12.77 -23.31
CA GLY A 154 -20.69 -12.14 -22.01
C GLY A 154 -21.89 -12.19 -21.06
N THR A 155 -22.04 -11.17 -20.24
CA THR A 155 -23.14 -11.01 -19.26
C THR A 155 -24.44 -10.63 -19.99
N LEU A 156 -25.55 -10.74 -19.30
CA LEU A 156 -26.87 -10.26 -19.77
C LEU A 156 -27.49 -9.51 -18.60
N ASP A 157 -27.96 -8.27 -18.82
CA ASP A 157 -28.59 -7.44 -17.78
C ASP A 157 -29.81 -6.80 -18.41
N ILE A 158 -30.92 -6.83 -17.71
CA ILE A 158 -32.05 -5.92 -18.05
C ILE A 158 -32.31 -5.00 -16.88
N ALA A 159 -32.40 -3.69 -17.17
CA ALA A 159 -32.41 -2.66 -16.13
C ALA A 159 -33.69 -2.68 -15.30
N THR A 160 -33.59 -2.07 -14.13
CA THR A 160 -34.68 -1.97 -13.14
C THR A 160 -35.95 -1.50 -13.86
N ASP A 161 -37.04 -2.21 -13.65
CA ASP A 161 -38.42 -1.83 -14.11
C ASP A 161 -38.59 -1.93 -15.64
N MET A 162 -37.65 -2.52 -16.36
CA MET A 162 -37.69 -2.54 -17.85
C MET A 162 -38.24 -3.91 -18.28
N GLN A 163 -38.75 -4.02 -19.52
CA GLN A 163 -39.55 -5.21 -19.90
C GLN A 163 -39.10 -5.72 -21.26
N VAL A 164 -39.09 -7.03 -21.40
CA VAL A 164 -39.20 -7.75 -22.70
C VAL A 164 -40.71 -7.77 -23.02
N LEU A 165 -41.15 -7.06 -24.06
CA LEU A 165 -42.56 -7.02 -24.54
C LEU A 165 -42.71 -7.96 -25.75
N LEU A 166 -43.79 -8.73 -25.82
CA LEU A 166 -44.08 -9.65 -26.94
C LEU A 166 -45.24 -9.08 -27.76
N LYS A 167 -45.10 -9.08 -29.07
CA LYS A 167 -46.20 -8.69 -29.98
C LYS A 167 -46.37 -9.77 -31.02
N GLY A 168 -47.58 -9.85 -31.60
CA GLY A 168 -47.83 -10.63 -32.83
C GLY A 168 -48.24 -12.08 -32.60
N GLY A 169 -48.14 -12.58 -31.35
CA GLY A 169 -48.33 -14.01 -31.03
C GLY A 169 -47.03 -14.66 -30.56
N ALA A 170 -45.90 -13.94 -30.52
CA ALA A 170 -44.61 -14.43 -29.99
C ALA A 170 -44.90 -15.09 -28.63
N GLN A 171 -44.33 -16.27 -28.41
CA GLN A 171 -44.57 -17.07 -27.19
C GLN A 171 -43.25 -17.24 -26.44
N ALA A 172 -43.29 -17.14 -25.11
CA ALA A 172 -42.13 -17.39 -24.22
C ALA A 172 -41.45 -18.75 -24.49
N LYS A 173 -42.20 -19.81 -24.76
CA LYS A 173 -41.60 -21.15 -24.93
C LYS A 173 -40.71 -21.18 -26.18
N ASN A 174 -40.86 -20.20 -27.09
CA ASN A 174 -40.08 -20.14 -28.35
C ASN A 174 -38.95 -19.12 -28.27
N ILE A 175 -38.55 -18.70 -27.07
CA ILE A 175 -37.48 -17.69 -26.90
C ILE A 175 -36.36 -18.33 -26.07
N PHE A 176 -35.13 -18.24 -26.55
CA PHE A 176 -33.98 -18.93 -25.91
C PHE A 176 -32.85 -17.92 -25.79
N TRP A 177 -32.32 -17.77 -24.57
CA TRP A 177 -31.21 -16.84 -24.23
C TRP A 177 -30.04 -17.72 -23.83
N GLN A 178 -29.03 -17.85 -24.70
CA GLN A 178 -27.78 -18.58 -24.39
C GLN A 178 -26.77 -17.55 -23.88
N VAL A 179 -26.34 -17.65 -22.63
CA VAL A 179 -25.54 -16.56 -22.04
C VAL A 179 -24.30 -17.16 -21.39
N GLY A 180 -23.11 -16.71 -21.83
CA GLY A 180 -21.82 -17.25 -21.38
C GLY A 180 -21.40 -16.77 -19.97
N ASP A 181 -21.91 -15.65 -19.48
CA ASP A 181 -21.51 -15.06 -18.18
C ASP A 181 -22.76 -14.76 -17.36
N VAL A 182 -22.62 -14.06 -16.25
CA VAL A 182 -23.71 -13.84 -15.28
C VAL A 182 -24.90 -13.13 -15.93
N VAL A 183 -26.10 -13.60 -15.60
CA VAL A 183 -27.39 -12.97 -16.01
C VAL A 183 -27.96 -12.24 -14.82
N THR A 184 -28.28 -10.96 -14.97
CA THR A 184 -28.93 -10.19 -13.88
C THR A 184 -30.24 -9.62 -14.37
N LEU A 185 -31.35 -10.04 -13.78
CA LEU A 185 -32.68 -9.49 -14.09
C LEU A 185 -32.99 -8.53 -12.94
N HIS A 186 -32.76 -7.22 -13.18
CA HIS A 186 -32.83 -6.21 -12.12
C HIS A 186 -34.24 -6.06 -11.55
N ALA A 187 -34.30 -5.41 -10.37
CA ALA A 187 -35.52 -5.18 -9.59
C ALA A 187 -36.64 -4.70 -10.52
N GLY A 188 -37.80 -5.34 -10.42
CA GLY A 188 -39.04 -4.91 -11.10
C GLY A 188 -39.05 -5.18 -12.61
N SER A 189 -37.95 -5.65 -13.19
CA SER A 189 -37.86 -6.03 -14.63
C SER A 189 -38.85 -7.17 -14.93
N HIS A 190 -39.19 -7.31 -16.20
CA HIS A 190 -40.01 -8.44 -16.69
C HIS A 190 -39.34 -9.05 -17.91
N PHE A 191 -39.18 -10.37 -17.89
CA PHE A 191 -38.45 -11.15 -18.90
C PHE A 191 -39.38 -12.21 -19.49
N GLU A 192 -39.01 -12.66 -20.68
CA GLU A 192 -39.70 -13.75 -21.41
C GLU A 192 -38.67 -14.73 -21.97
N GLY A 193 -38.90 -16.03 -21.79
CA GLY A 193 -38.18 -17.10 -22.47
C GLY A 193 -37.32 -17.92 -21.53
N ASN A 194 -36.51 -18.73 -22.16
CA ASN A 194 -35.71 -19.79 -21.52
C ASN A 194 -34.28 -19.28 -21.44
N ILE A 195 -33.79 -19.04 -20.23
CA ILE A 195 -32.41 -18.54 -20.02
C ILE A 195 -31.52 -19.76 -19.78
N LEU A 196 -30.65 -20.03 -20.75
CA LEU A 196 -29.61 -21.09 -20.69
C LEU A 196 -28.33 -20.39 -20.29
N GLY A 197 -28.14 -20.24 -18.99
CA GLY A 197 -26.99 -19.55 -18.40
C GLY A 197 -25.82 -20.49 -18.16
N PHE A 198 -24.64 -20.09 -18.58
CA PHE A 198 -23.39 -20.84 -18.28
C PHE A 198 -22.97 -20.58 -16.85
N SER A 199 -23.37 -19.44 -16.28
CA SER A 199 -22.94 -18.99 -14.95
C SER A 199 -24.17 -18.67 -14.10
N THR A 200 -24.00 -17.75 -13.18
CA THR A 200 -25.07 -17.27 -12.25
C THR A 200 -26.27 -16.74 -13.06
N ILE A 201 -27.48 -17.05 -12.58
CA ILE A 201 -28.70 -16.29 -12.95
C ILE A 201 -29.25 -15.65 -11.68
N ALA A 202 -29.28 -14.33 -11.62
CA ALA A 202 -29.73 -13.58 -10.43
C ALA A 202 -30.99 -12.80 -10.80
N MET A 203 -32.03 -12.89 -10.00
CA MET A 203 -33.20 -11.98 -10.11
C MET A 203 -33.35 -11.17 -8.83
N GLN A 204 -33.70 -9.91 -9.00
CA GLN A 204 -33.86 -8.96 -7.87
C GLN A 204 -35.32 -8.70 -7.55
N THR A 205 -35.58 -7.84 -6.58
CA THR A 205 -36.89 -7.70 -5.94
C THR A 205 -37.95 -7.33 -6.97
N GLY A 206 -39.00 -8.12 -7.04
CA GLY A 206 -40.15 -7.84 -7.90
C GLY A 206 -39.85 -8.13 -9.35
N ALA A 207 -38.67 -8.60 -9.71
CA ALA A 207 -38.41 -9.07 -11.08
C ALA A 207 -39.28 -10.30 -11.38
N SER A 208 -39.70 -10.44 -12.64
CA SER A 208 -40.57 -11.56 -13.08
C SER A 208 -40.05 -12.11 -14.39
N ILE A 209 -40.34 -13.39 -14.64
CA ILE A 209 -40.07 -14.02 -15.93
C ILE A 209 -41.19 -15.01 -16.19
N ASN A 210 -41.64 -15.03 -17.44
CA ASN A 210 -42.48 -16.11 -17.99
C ASN A 210 -41.49 -16.97 -18.76
N GLY A 211 -41.18 -18.14 -18.26
CA GLY A 211 -40.12 -18.96 -18.88
C GLY A 211 -39.40 -19.84 -17.89
N LYS A 212 -38.10 -20.00 -18.08
CA LYS A 212 -37.26 -20.95 -17.32
C LYS A 212 -35.92 -20.28 -17.01
N LEU A 213 -35.38 -20.63 -15.85
CA LEU A 213 -33.98 -20.34 -15.46
C LEU A 213 -33.19 -21.63 -15.44
N LEU A 214 -32.24 -21.80 -16.34
CA LEU A 214 -31.52 -23.09 -16.53
C LEU A 214 -30.03 -22.78 -16.46
N SER A 215 -29.47 -22.87 -15.24
CA SER A 215 -28.11 -22.39 -14.91
C SER A 215 -27.13 -23.56 -14.78
N GLN A 216 -25.96 -23.42 -15.38
CA GLN A 216 -24.85 -24.35 -15.10
C GLN A 216 -24.02 -23.91 -13.88
N LYS A 217 -24.40 -22.85 -13.18
CA LYS A 217 -23.88 -22.59 -11.80
C LYS A 217 -25.10 -22.42 -10.87
N GLU A 218 -25.24 -21.28 -10.18
CA GLU A 218 -26.30 -21.06 -9.18
C GLU A 218 -27.32 -20.02 -9.64
N VAL A 219 -28.51 -20.15 -9.10
CA VAL A 219 -29.60 -19.15 -9.26
C VAL A 219 -29.82 -18.47 -7.90
N THR A 220 -30.00 -17.16 -7.91
CA THR A 220 -30.33 -16.34 -6.73
C THR A 220 -31.58 -15.52 -7.03
N LEU A 221 -32.52 -15.53 -6.09
CA LEU A 221 -33.86 -14.91 -6.22
C LEU A 221 -34.06 -13.99 -5.02
N LEU A 222 -34.52 -12.77 -5.27
CA LEU A 222 -35.01 -11.85 -4.23
C LEU A 222 -36.45 -11.48 -4.56
N GLY A 223 -37.44 -12.02 -3.84
CA GLY A 223 -38.84 -11.67 -4.03
C GLY A 223 -39.20 -11.63 -5.51
N SER A 224 -38.84 -12.70 -6.22
CA SER A 224 -38.99 -12.80 -7.69
C SER A 224 -40.11 -13.74 -8.07
N ASP A 225 -40.68 -13.52 -9.26
CA ASP A 225 -41.73 -14.41 -9.84
C ASP A 225 -41.15 -15.14 -11.06
N ILE A 226 -41.24 -16.47 -11.04
CA ILE A 226 -40.72 -17.34 -12.13
C ILE A 226 -41.89 -18.24 -12.50
N LEU A 227 -42.55 -17.89 -13.59
CA LEU A 227 -43.88 -18.44 -13.93
C LEU A 227 -43.78 -19.31 -15.18
N THR A 228 -44.36 -20.50 -15.10
CA THR A 228 -44.52 -21.40 -16.28
C THR A 228 -45.61 -20.73 -17.11
N PRO A 229 -45.39 -20.43 -18.41
CA PRO A 229 -46.46 -19.86 -19.22
C PRO A 229 -47.53 -20.93 -19.51
N SER B 6 4.08 -9.81 -18.22
CA SER B 6 4.17 -8.63 -17.25
C SER B 6 3.33 -7.47 -17.76
N PRO B 7 2.39 -6.93 -16.95
CA PRO B 7 1.56 -5.81 -17.39
C PRO B 7 2.34 -4.48 -17.50
N ALA B 8 1.82 -3.53 -18.24
CA ALA B 8 2.39 -2.16 -18.36
C ALA B 8 2.32 -1.54 -16.99
N PRO B 9 3.35 -0.78 -16.54
CA PRO B 9 3.29 -0.11 -15.26
C PRO B 9 2.10 0.87 -15.23
N VAL B 10 1.71 1.20 -14.00
CA VAL B 10 0.69 2.25 -13.72
C VAL B 10 1.42 3.57 -13.64
N ASP B 11 1.02 4.54 -14.45
CA ASP B 11 1.64 5.88 -14.50
C ASP B 11 1.06 6.70 -13.35
N LEU B 12 1.87 7.01 -12.35
CA LEU B 12 1.38 7.80 -11.20
C LEU B 12 1.32 9.29 -11.56
N GLY B 13 1.96 9.71 -12.66
CA GLY B 13 1.98 11.14 -13.04
C GLY B 13 2.48 12.00 -11.89
N ARG B 14 1.82 13.13 -11.65
CA ARG B 14 2.30 14.11 -10.63
C ARG B 14 2.10 13.53 -9.21
N ALA B 15 1.28 12.50 -9.03
CA ALA B 15 1.15 11.82 -7.71
C ALA B 15 2.51 11.20 -7.35
N GLY B 16 3.29 10.77 -8.34
CA GLY B 16 4.62 10.18 -8.13
C GLY B 16 5.65 11.16 -7.56
N ASP B 17 5.35 12.45 -7.54
CA ASP B 17 6.17 13.49 -6.89
C ASP B 17 6.17 13.36 -5.36
N PHE B 18 5.29 12.53 -4.81
CA PHE B 18 5.02 12.42 -3.36
C PHE B 18 5.38 11.00 -2.93
N VAL B 19 5.78 10.86 -1.69
CA VAL B 19 5.85 9.55 -1.00
C VAL B 19 4.56 9.33 -0.19
N ILE B 20 3.90 10.38 0.27
CA ILE B 20 2.55 10.26 0.89
C ILE B 20 1.68 11.36 0.34
N LEU B 21 0.54 10.99 -0.22
CA LEU B 21 -0.49 11.96 -0.65
C LEU B 21 -1.82 11.48 -0.10
N ALA B 22 -2.54 12.39 0.56
CA ALA B 22 -3.82 12.02 1.19
C ALA B 22 -4.84 13.14 0.98
N LYS B 23 -6.10 12.78 0.83
CA LYS B 23 -7.17 13.77 0.63
C LYS B 23 -7.70 14.33 1.96
N SER B 24 -7.64 13.57 3.04
CA SER B 24 -8.31 13.99 4.29
C SER B 24 -7.36 13.97 5.49
N GLY B 25 -6.06 13.86 5.26
CA GLY B 25 -5.11 14.11 6.35
C GLY B 25 -3.96 13.11 6.38
N ILE B 26 -2.90 13.48 7.09
CA ILE B 26 -1.76 12.60 7.45
C ILE B 26 -1.49 12.89 8.90
N SER B 27 -1.55 11.88 9.75
CA SER B 27 -1.26 12.04 11.18
C SER B 27 0.00 11.24 11.49
N THR B 28 0.78 11.72 12.43
CA THR B 28 1.98 11.00 12.91
C THR B 28 2.13 11.18 14.42
N SER B 29 2.55 10.10 15.05
CA SER B 29 3.12 10.15 16.41
C SER B 29 4.25 9.11 16.46
N GLY B 30 5.11 9.20 17.46
CA GLY B 30 6.29 8.32 17.52
C GLY B 30 7.39 8.74 16.55
N ALA B 31 8.45 7.93 16.45
CA ALA B 31 9.67 8.27 15.71
C ALA B 31 9.48 7.88 14.23
N THR B 32 8.66 8.64 13.53
CA THR B 32 8.34 8.40 12.10
C THR B 32 9.48 8.95 11.22
N HIS B 33 9.83 8.28 10.13
CA HIS B 33 10.84 8.73 9.14
C HIS B 33 10.27 8.64 7.75
N VAL B 34 10.08 9.79 7.09
CA VAL B 34 9.56 9.81 5.72
C VAL B 34 10.65 10.38 4.82
N THR B 35 11.02 9.67 3.77
CA THR B 35 12.00 10.19 2.77
C THR B 35 11.22 10.46 1.48
N GLY B 36 10.94 11.73 1.26
CA GLY B 36 10.21 12.23 0.11
C GLY B 36 9.30 13.37 0.57
N ASP B 37 8.45 13.82 -0.32
CA ASP B 37 7.48 14.90 -0.04
C ASP B 37 6.14 14.30 0.36
N ILE B 38 5.39 15.02 1.18
CA ILE B 38 4.02 14.62 1.58
C ILE B 38 3.07 15.78 1.31
N GLY B 39 1.81 15.45 1.04
CA GLY B 39 0.82 16.45 0.65
C GLY B 39 -0.56 16.06 1.11
N VAL B 40 -1.35 17.06 1.50
CA VAL B 40 -2.79 16.85 1.81
C VAL B 40 -3.59 17.83 0.98
N SER B 41 -4.65 17.33 0.38
CA SER B 41 -5.55 18.15 -0.44
C SER B 41 -6.78 17.34 -0.80
N PRO B 42 -8.01 17.89 -0.69
CA PRO B 42 -8.25 19.32 -0.49
C PRO B 42 -8.25 19.85 0.95
N ILE B 43 -8.05 18.97 1.92
CA ILE B 43 -8.03 19.40 3.34
C ILE B 43 -6.88 20.41 3.53
N ASP B 44 -7.10 21.34 4.44
CA ASP B 44 -6.12 22.42 4.76
C ASP B 44 -5.03 21.85 5.67
N ARG B 45 -4.14 22.72 6.14
CA ARG B 45 -2.94 22.30 6.89
C ARG B 45 -3.32 21.63 8.21
N THR B 46 -4.52 21.84 8.77
CA THR B 46 -4.86 21.12 10.03
C THR B 46 -5.07 19.63 9.74
N GLY B 47 -5.09 19.22 8.46
CA GLY B 47 -5.09 17.80 8.08
C GLY B 47 -3.71 17.16 8.33
N LEU B 48 -2.66 17.99 8.52
CA LEU B 48 -1.32 17.51 8.93
C LEU B 48 -1.31 17.54 10.46
N THR B 49 -1.29 16.38 11.12
CA THR B 49 -1.35 16.28 12.59
C THR B 49 -0.06 15.64 13.08
N GLY B 50 0.60 16.32 14.02
CA GLY B 50 1.73 15.74 14.78
C GLY B 50 3.05 16.02 14.15
N PHE B 51 3.12 16.85 13.11
CA PHE B 51 4.40 17.10 12.40
C PHE B 51 5.25 18.19 13.08
N SER B 52 4.72 19.07 13.94
CA SER B 52 5.50 20.22 14.49
C SER B 52 6.22 20.94 13.36
N GLU B 53 5.50 21.25 12.28
CA GLU B 53 6.14 21.72 11.05
C GLU B 53 6.41 23.21 11.12
N THR B 54 7.48 23.61 10.45
CA THR B 54 7.92 25.01 10.28
C THR B 54 7.63 25.48 8.85
N MET B 55 6.81 26.51 8.67
CA MET B 55 6.58 27.10 7.33
C MET B 55 7.87 27.68 6.78
N ASP B 56 8.17 27.39 5.51
CA ASP B 56 9.16 28.16 4.72
C ASP B 56 8.69 29.61 4.68
N PRO B 57 9.60 30.62 4.71
CA PRO B 57 9.17 32.02 4.59
C PRO B 57 8.29 32.28 3.37
N SER B 58 8.42 31.49 2.29
CA SER B 58 7.59 31.59 1.05
C SER B 58 6.12 31.27 1.34
N ASN B 59 5.87 30.48 2.39
CA ASN B 59 4.55 29.93 2.80
C ASN B 59 4.02 28.92 1.79
N THR B 60 4.87 28.38 0.91
CA THR B 60 4.47 27.37 -0.11
C THR B 60 4.66 25.94 0.39
N PHE B 61 5.40 25.75 1.46
CA PHE B 61 5.70 24.40 1.99
C PHE B 61 6.17 24.56 3.43
N SER B 62 6.20 23.45 4.15
CA SER B 62 6.77 23.40 5.50
C SER B 62 7.79 22.26 5.56
N THR B 63 8.54 22.22 6.65
CA THR B 63 9.49 21.11 6.94
C THR B 63 9.21 20.59 8.38
N SER B 64 9.69 19.39 8.68
CA SER B 64 9.40 18.67 9.93
C SER B 64 10.53 17.66 10.17
N THR B 65 10.83 17.41 11.42
CA THR B 65 11.75 16.30 11.84
C THR B 65 11.31 14.99 11.17
N TYR B 66 10.01 14.76 11.01
CA TYR B 66 9.48 13.44 10.55
C TYR B 66 9.64 13.27 9.05
N VAL B 67 9.83 14.35 8.31
CA VAL B 67 10.11 14.30 6.86
C VAL B 67 11.57 14.66 6.66
N VAL B 68 12.37 13.65 6.39
CA VAL B 68 13.85 13.81 6.34
C VAL B 68 14.24 14.76 5.22
N ALA B 69 15.13 15.70 5.53
CA ALA B 69 15.65 16.70 4.59
C ALA B 69 16.13 15.94 3.36
N PRO B 70 15.89 16.42 2.12
CA PRO B 70 15.18 17.67 1.84
C PRO B 70 13.67 17.57 1.59
N GLY B 71 13.02 16.52 2.10
CA GLY B 71 11.58 16.32 1.91
C GLY B 71 10.79 17.51 2.49
N LYS B 72 9.65 17.83 1.85
CA LYS B 72 8.80 18.98 2.19
C LYS B 72 7.34 18.53 2.34
N LEU B 73 6.62 19.28 3.17
CA LEU B 73 5.17 19.11 3.35
C LEU B 73 4.42 20.18 2.58
N TYR B 74 3.27 19.79 2.04
CA TYR B 74 2.40 20.67 1.21
C TYR B 74 0.97 20.48 1.66
N ALA B 75 0.21 21.55 1.82
CA ALA B 75 -1.22 21.48 2.19
C ALA B 75 -2.00 22.45 1.29
N ALA B 76 -3.29 22.17 1.15
CA ALA B 76 -4.18 22.86 0.19
C ALA B 76 -4.27 24.36 0.43
N ASP B 77 -4.04 24.83 1.66
CA ASP B 77 -4.21 26.27 1.99
C ASP B 77 -2.86 26.97 2.05
N TYR B 78 -1.79 26.31 1.60
CA TYR B 78 -0.49 26.98 1.48
C TYR B 78 -0.55 27.99 0.32
N ALA B 79 0.46 28.83 0.23
CA ALA B 79 0.57 29.89 -0.79
C ALA B 79 0.61 29.26 -2.19
N ASP B 80 0.03 29.95 -3.15
CA ASP B 80 0.23 29.62 -4.58
C ASP B 80 1.72 29.54 -4.87
N PRO B 81 2.18 28.58 -5.73
CA PRO B 81 1.32 27.70 -6.51
C PRO B 81 0.99 26.32 -5.90
N THR B 82 1.13 26.20 -4.59
CA THR B 82 1.00 24.86 -3.91
C THR B 82 -0.40 24.28 -4.07
N PRO B 83 -1.51 25.04 -3.90
CA PRO B 83 -2.85 24.48 -4.04
C PRO B 83 -3.02 23.83 -5.40
N ALA B 84 -2.54 24.46 -6.48
CA ALA B 84 -2.69 23.91 -7.86
C ALA B 84 -1.81 22.69 -8.02
N LYS B 85 -0.59 22.69 -7.48
CA LYS B 85 0.31 21.51 -7.43
C LYS B 85 -0.44 20.31 -6.82
N LEU B 86 -1.06 20.50 -5.68
CA LEU B 86 -1.77 19.42 -4.96
C LEU B 86 -2.99 18.95 -5.73
N THR B 87 -3.80 19.87 -6.29
CA THR B 87 -5.03 19.50 -7.03
C THR B 87 -4.62 18.59 -8.20
N THR B 88 -3.56 18.98 -8.91
CA THR B 88 -3.03 18.20 -10.04
C THR B 88 -2.57 16.82 -9.56
N ALA B 89 -1.85 16.75 -8.45
CA ALA B 89 -1.30 15.47 -7.92
C ALA B 89 -2.46 14.57 -7.51
N VAL B 90 -3.45 15.12 -6.80
CA VAL B 90 -4.61 14.31 -6.34
C VAL B 90 -5.34 13.74 -7.56
N SER B 91 -5.57 14.56 -8.58
CA SER B 91 -6.22 14.06 -9.82
C SER B 91 -5.41 12.91 -10.44
N ALA B 92 -4.07 13.02 -10.49
CA ALA B 92 -3.19 11.97 -11.05
C ALA B 92 -3.31 10.71 -10.17
N MET B 93 -3.43 10.89 -8.85
CA MET B 93 -3.59 9.73 -7.95
C MET B 93 -4.89 8.98 -8.31
N GLU B 94 -5.96 9.70 -8.40
CA GLU B 94 -7.29 9.15 -8.78
C GLU B 94 -7.26 8.46 -10.15
N ALA B 95 -6.60 9.05 -11.14
CA ALA B 95 -6.43 8.43 -12.49
C ALA B 95 -5.70 7.09 -12.37
N ALA B 96 -4.63 7.05 -11.58
CA ALA B 96 -3.74 5.88 -11.38
C ALA B 96 -4.51 4.77 -10.67
N TYR B 97 -5.30 5.14 -9.66
CA TYR B 97 -6.25 4.19 -9.00
C TYR B 97 -7.18 3.55 -10.03
N THR B 98 -7.76 4.33 -10.92
CA THR B 98 -8.77 3.84 -11.91
C THR B 98 -8.04 2.92 -12.91
N ASP B 99 -6.86 3.34 -13.40
CA ASP B 99 -6.03 2.52 -14.32
C ASP B 99 -5.73 1.14 -13.73
N ALA B 100 -5.17 1.11 -12.53
CA ALA B 100 -4.76 -0.11 -11.79
C ALA B 100 -5.98 -1.01 -11.66
N GLY B 101 -7.13 -0.41 -11.28
CA GLY B 101 -8.37 -1.13 -11.00
C GLY B 101 -8.97 -1.67 -12.27
N GLY B 102 -8.73 -1.00 -13.39
CA GLY B 102 -9.39 -1.32 -14.67
C GLY B 102 -8.66 -2.38 -15.49
N ARG B 103 -7.43 -2.76 -15.17
CA ARG B 103 -6.67 -3.78 -15.96
C ARG B 103 -7.49 -5.08 -16.01
N THR B 104 -7.53 -5.71 -17.18
CA THR B 104 -8.32 -6.95 -17.40
C THR B 104 -7.37 -8.15 -17.26
N GLY B 105 -7.91 -9.36 -17.14
CA GLY B 105 -7.14 -10.63 -17.10
C GLY B 105 -6.51 -10.95 -15.75
N GLY B 106 -6.89 -10.22 -14.69
CA GLY B 106 -6.40 -10.51 -13.34
C GLY B 106 -6.56 -11.98 -13.01
N LEU B 107 -5.51 -12.56 -12.44
CA LEU B 107 -5.41 -13.98 -12.04
C LEU B 107 -5.89 -14.16 -10.60
N SER B 108 -6.42 -15.36 -10.32
CA SER B 108 -6.85 -15.81 -8.99
C SER B 108 -5.65 -16.29 -8.22
N VAL B 109 -5.59 -16.00 -6.93
CA VAL B 109 -4.52 -16.49 -6.01
C VAL B 109 -5.20 -17.38 -4.98
N PRO B 110 -4.68 -18.61 -4.78
CA PRO B 110 -5.27 -19.55 -3.82
C PRO B 110 -5.43 -18.97 -2.43
N GLY B 111 -6.47 -19.39 -1.72
CA GLY B 111 -6.61 -19.06 -0.29
C GLY B 111 -7.75 -18.12 0.00
N ALA B 112 -8.58 -17.78 -1.01
CA ALA B 112 -9.88 -17.10 -0.81
C ALA B 112 -9.67 -15.79 -0.05
N GLY B 113 -8.61 -15.05 -0.37
CA GLY B 113 -8.36 -13.75 0.30
C GLY B 113 -7.29 -13.81 1.35
N THR B 114 -6.76 -15.00 1.66
CA THR B 114 -5.56 -15.18 2.49
C THR B 114 -4.39 -15.51 1.56
N ILE B 115 -3.25 -14.86 1.77
CA ILE B 115 -2.00 -15.29 1.09
C ILE B 115 -1.44 -16.43 1.93
N LEU B 116 -1.46 -17.64 1.38
CA LEU B 116 -1.09 -18.88 2.12
C LEU B 116 0.41 -18.93 2.35
N PRO B 117 0.91 -19.73 3.33
CA PRO B 117 2.33 -19.75 3.65
C PRO B 117 3.21 -20.12 2.46
N ALA B 118 4.39 -19.47 2.38
CA ALA B 118 5.46 -19.73 1.40
C ALA B 118 4.93 -19.53 -0.02
N THR B 119 4.31 -18.38 -0.27
CA THR B 119 3.76 -18.05 -1.60
C THR B 119 4.77 -17.15 -2.28
N THR B 120 5.03 -17.43 -3.55
CA THR B 120 5.85 -16.56 -4.42
C THR B 120 5.02 -16.24 -5.64
N LEU B 121 4.88 -14.95 -5.96
CA LEU B 121 4.09 -14.54 -7.12
C LEU B 121 5.05 -13.93 -8.15
N PRO B 122 5.01 -14.45 -9.39
CA PRO B 122 5.73 -13.83 -10.50
C PRO B 122 4.93 -12.60 -10.94
N ALA B 123 5.49 -11.79 -11.84
CA ALA B 123 4.84 -10.59 -12.42
C ALA B 123 3.44 -10.92 -12.92
N GLY B 124 2.51 -9.96 -12.83
CA GLY B 124 1.14 -10.24 -13.24
C GLY B 124 0.16 -9.25 -12.66
N VAL B 125 -1.08 -9.35 -13.14
CA VAL B 125 -2.27 -8.70 -12.51
C VAL B 125 -2.94 -9.79 -11.68
N TYR B 126 -3.22 -9.48 -10.42
CA TYR B 126 -3.87 -10.42 -9.46
C TYR B 126 -5.10 -9.72 -8.92
N THR B 127 -6.22 -10.44 -8.78
CA THR B 127 -7.54 -9.86 -8.52
C THR B 127 -8.21 -10.63 -7.38
N TRP B 128 -8.76 -9.86 -6.45
CA TRP B 128 -9.67 -10.37 -5.39
C TRP B 128 -10.92 -9.49 -5.32
N SER B 129 -12.08 -10.11 -5.20
CA SER B 129 -13.39 -9.46 -4.96
C SER B 129 -13.58 -9.29 -3.44
N THR B 130 -12.74 -9.93 -2.64
CA THR B 130 -12.69 -9.85 -1.16
C THR B 130 -11.58 -8.90 -0.72
N GLY B 131 -11.31 -8.88 0.58
CA GLY B 131 -10.06 -8.33 1.09
C GLY B 131 -8.94 -9.33 0.93
N VAL B 132 -7.75 -8.89 1.27
CA VAL B 132 -6.55 -9.75 1.29
C VAL B 132 -5.89 -9.58 2.65
N THR B 133 -5.51 -10.69 3.24
CA THR B 133 -4.71 -10.73 4.47
C THR B 133 -3.41 -11.48 4.17
N ILE B 134 -2.29 -11.03 4.76
CA ILE B 134 -0.94 -11.54 4.49
C ILE B 134 -0.36 -11.93 5.83
N PRO B 135 -0.85 -13.05 6.41
CA PRO B 135 -0.51 -13.40 7.78
C PRO B 135 0.93 -13.86 7.96
N THR B 136 1.62 -14.32 6.92
CA THR B 136 3.00 -14.84 7.05
C THR B 136 3.95 -14.17 6.05
N GLY B 137 3.51 -13.11 5.39
CA GLY B 137 4.29 -12.46 4.33
C GLY B 137 4.12 -13.11 2.97
N VAL B 138 4.86 -12.59 2.00
CA VAL B 138 4.77 -13.05 0.59
C VAL B 138 6.07 -12.65 -0.11
N THR B 139 6.45 -13.41 -1.14
CA THR B 139 7.62 -13.11 -1.97
C THR B 139 7.12 -12.76 -3.37
N LEU B 140 7.63 -11.67 -3.92
CA LEU B 140 7.42 -11.29 -5.33
C LEU B 140 8.75 -11.52 -6.05
N GLU B 141 8.72 -12.36 -7.08
CA GLU B 141 9.94 -12.80 -7.81
C GLU B 141 9.81 -12.43 -9.29
N GLY B 142 10.76 -11.64 -9.76
CA GLY B 142 10.87 -11.23 -11.16
C GLY B 142 12.05 -10.30 -11.37
N GLY B 143 12.15 -9.82 -12.60
CA GLY B 143 13.28 -8.99 -13.04
C GLY B 143 13.07 -7.52 -12.75
N PRO B 144 14.08 -6.69 -13.08
CA PRO B 144 14.00 -5.24 -12.86
C PRO B 144 12.86 -4.51 -13.58
N ASP B 145 12.29 -5.07 -14.64
CA ASP B 145 11.20 -4.41 -15.43
C ASP B 145 9.86 -5.14 -15.26
N ASP B 146 9.81 -6.16 -14.43
CA ASP B 146 8.58 -6.95 -14.11
C ASP B 146 7.66 -6.07 -13.25
N VAL B 147 6.36 -6.14 -13.53
CA VAL B 147 5.31 -5.30 -12.90
C VAL B 147 4.31 -6.20 -12.17
N TRP B 148 3.91 -5.78 -10.98
CA TRP B 148 2.84 -6.46 -10.21
C TRP B 148 1.70 -5.47 -10.01
N ILE B 149 0.46 -5.85 -10.33
CA ILE B 149 -0.75 -5.03 -10.09
C ILE B 149 -1.73 -5.91 -9.28
N PHE B 150 -1.97 -5.50 -8.04
CA PHE B 150 -2.92 -6.19 -7.15
C PHE B 150 -4.21 -5.37 -7.11
N GLN B 151 -5.30 -6.01 -7.49
CA GLN B 151 -6.64 -5.43 -7.56
C GLN B 151 -7.41 -6.01 -6.38
N ILE B 152 -7.61 -5.22 -5.33
CA ILE B 152 -8.21 -5.72 -4.06
C ILE B 152 -9.47 -4.93 -3.81
N ALA B 153 -10.63 -5.53 -3.91
CA ALA B 153 -11.91 -4.80 -3.68
C ALA B 153 -12.05 -4.42 -2.21
N GLY B 154 -11.65 -5.31 -1.31
CA GLY B 154 -11.84 -5.13 0.15
C GLY B 154 -10.62 -4.51 0.82
N THR B 155 -10.44 -4.88 2.09
CA THR B 155 -9.31 -4.39 2.92
C THR B 155 -8.02 -5.08 2.52
N LEU B 156 -6.88 -4.51 2.93
CA LEU B 156 -5.57 -5.13 2.79
C LEU B 156 -4.93 -5.06 4.17
N ASP B 157 -4.42 -6.19 4.65
CA ASP B 157 -3.71 -6.29 5.96
C ASP B 157 -2.47 -7.14 5.74
N ILE B 158 -1.37 -6.73 6.35
CA ILE B 158 -0.17 -7.58 6.55
C ILE B 158 0.11 -7.64 8.05
N ALA B 159 0.25 -8.85 8.55
CA ALA B 159 0.29 -9.12 10.01
C ALA B 159 1.56 -8.56 10.64
N THR B 160 1.52 -8.41 11.96
CA THR B 160 2.63 -7.95 12.81
C THR B 160 3.92 -8.68 12.43
N ASP B 161 4.97 -7.92 12.16
CA ASP B 161 6.34 -8.42 11.95
C ASP B 161 6.47 -9.15 10.62
N MET B 162 5.46 -9.19 9.75
CA MET B 162 5.58 -10.01 8.52
C MET B 162 6.04 -9.10 7.39
N GLN B 163 6.59 -9.68 6.31
CA GLN B 163 7.24 -8.88 5.25
C GLN B 163 6.82 -9.25 3.83
N VAL B 164 6.83 -8.25 2.96
CA VAL B 164 6.89 -8.45 1.48
C VAL B 164 8.37 -8.51 1.10
N LEU B 165 8.79 -9.66 0.56
CA LEU B 165 10.19 -9.94 0.13
C LEU B 165 10.23 -9.93 -1.39
N LEU B 166 11.29 -9.35 -1.91
CA LEU B 166 11.54 -9.18 -3.36
C LEU B 166 12.71 -10.10 -3.69
N LYS B 167 12.64 -10.71 -4.87
CA LYS B 167 13.66 -11.67 -5.32
C LYS B 167 13.85 -11.48 -6.83
N GLY B 168 15.10 -11.58 -7.29
CA GLY B 168 15.43 -11.69 -8.72
C GLY B 168 15.64 -10.35 -9.39
N GLY B 169 15.57 -9.22 -8.67
CA GLY B 169 15.65 -7.87 -9.26
C GLY B 169 14.31 -7.09 -9.28
N ALA B 170 13.23 -7.66 -8.76
CA ALA B 170 11.92 -7.00 -8.59
C ALA B 170 12.15 -5.66 -7.89
N GLN B 171 11.52 -4.58 -8.38
CA GLN B 171 11.71 -3.21 -7.81
C GLN B 171 10.37 -2.72 -7.23
N ALA B 172 10.41 -2.07 -6.07
CA ALA B 172 9.21 -1.48 -5.42
C ALA B 172 8.48 -0.52 -6.38
N LYS B 173 9.19 0.28 -7.21
CA LYS B 173 8.52 1.26 -8.10
C LYS B 173 7.58 0.54 -9.08
N ASN B 174 7.78 -0.74 -9.32
CA ASN B 174 7.01 -1.52 -10.33
C ASN B 174 5.90 -2.36 -9.67
N ILE B 175 5.58 -2.11 -8.39
CA ILE B 175 4.56 -2.88 -7.65
C ILE B 175 3.42 -1.91 -7.29
N PHE B 176 2.19 -2.25 -7.68
CA PHE B 176 1.00 -1.40 -7.43
C PHE B 176 -0.06 -2.22 -6.70
N TRP B 177 -0.56 -1.66 -5.59
CA TRP B 177 -1.64 -2.22 -4.76
C TRP B 177 -2.84 -1.27 -4.88
N GLN B 178 -3.85 -1.67 -5.65
CA GLN B 178 -5.13 -0.95 -5.77
C GLN B 178 -6.07 -1.54 -4.73
N VAL B 179 -6.47 -0.75 -3.74
CA VAL B 179 -7.17 -1.32 -2.56
C VAL B 179 -8.42 -0.50 -2.33
N GLY B 180 -9.58 -1.16 -2.38
CA GLY B 180 -10.87 -0.44 -2.35
C GLY B 180 -11.40 -0.14 -0.93
N ASP B 181 -10.75 -0.70 0.07
CA ASP B 181 -11.12 -0.51 1.50
C ASP B 181 -9.85 -0.28 2.30
N VAL B 182 -10.01 -0.20 3.61
CA VAL B 182 -8.93 0.21 4.54
C VAL B 182 -7.69 -0.68 4.40
N VAL B 183 -6.52 -0.04 4.33
CA VAL B 183 -5.18 -0.69 4.33
C VAL B 183 -4.60 -0.59 5.74
N THR B 184 -4.21 -1.72 6.32
CA THR B 184 -3.55 -1.74 7.64
C THR B 184 -2.21 -2.49 7.52
N LEU B 185 -1.13 -1.76 7.73
CA LEU B 185 0.24 -2.31 7.78
C LEU B 185 0.56 -2.44 9.28
N HIS B 186 0.44 -3.66 9.81
CA HIS B 186 0.48 -3.89 11.26
C HIS B 186 1.91 -3.71 11.80
N ALA B 187 2.00 -3.54 13.13
CA ALA B 187 3.23 -3.18 13.87
C ALA B 187 4.39 -4.03 13.35
N GLY B 188 5.52 -3.41 13.00
CA GLY B 188 6.75 -4.14 12.66
C GLY B 188 6.75 -4.80 11.28
N SER B 189 5.66 -4.70 10.51
CA SER B 189 5.57 -5.27 9.15
C SER B 189 6.46 -4.47 8.19
N HIS B 190 6.79 -5.06 7.08
CA HIS B 190 7.56 -4.37 6.01
C HIS B 190 6.82 -4.61 4.68
N PHE B 191 6.57 -3.54 3.94
CA PHE B 191 5.84 -3.55 2.66
C PHE B 191 6.74 -3.01 1.56
N GLU B 192 6.36 -3.37 0.33
CA GLU B 192 7.03 -2.89 -0.91
C GLU B 192 5.93 -2.42 -1.86
N GLY B 193 6.11 -1.23 -2.44
CA GLY B 193 5.33 -0.82 -3.60
C GLY B 193 4.45 0.37 -3.30
N ASN B 194 3.66 0.71 -4.30
CA ASN B 194 2.79 1.90 -4.34
C ASN B 194 1.38 1.48 -3.95
N ILE B 195 0.91 1.95 -2.80
CA ILE B 195 -0.45 1.67 -2.30
C ILE B 195 -1.36 2.79 -2.79
N LEU B 196 -2.27 2.43 -3.70
CA LEU B 196 -3.33 3.29 -4.24
C LEU B 196 -4.60 2.95 -3.47
N GLY B 197 -4.76 3.57 -2.29
CA GLY B 197 -5.89 3.26 -1.40
C GLY B 197 -7.09 4.14 -1.63
N PHE B 198 -8.27 3.54 -1.73
CA PHE B 198 -9.55 4.29 -1.84
C PHE B 198 -9.88 4.93 -0.49
N SER B 199 -9.39 4.30 0.57
CA SER B 199 -9.84 4.60 1.95
C SER B 199 -8.60 4.88 2.80
N THR B 200 -8.73 4.77 4.09
CA THR B 200 -7.65 4.95 5.09
C THR B 200 -6.45 4.07 4.68
N ILE B 201 -5.27 4.58 4.93
CA ILE B 201 -4.04 3.73 4.94
C ILE B 201 -3.39 3.95 6.31
N ALA B 202 -3.29 2.91 7.11
CA ALA B 202 -2.82 2.96 8.52
C ALA B 202 -1.54 2.15 8.64
N MET B 203 -0.49 2.76 9.20
CA MET B 203 0.72 2.04 9.59
C MET B 203 0.87 2.10 11.12
N GLN B 204 1.21 0.98 11.70
CA GLN B 204 1.38 0.84 13.17
C GLN B 204 2.85 0.84 13.52
N THR B 205 3.14 0.81 14.82
CA THR B 205 4.47 1.08 15.37
C THR B 205 5.50 0.20 14.67
N GLY B 206 6.51 0.85 14.12
CA GLY B 206 7.69 0.18 13.56
C GLY B 206 7.43 -0.47 12.22
N ALA B 207 6.26 -0.25 11.62
CA ALA B 207 6.01 -0.74 10.25
C ALA B 207 6.85 0.11 9.30
N SER B 208 7.21 -0.47 8.17
CA SER B 208 7.99 0.23 7.13
C SER B 208 7.44 -0.10 5.76
N ILE B 209 7.67 0.79 4.81
CA ILE B 209 7.39 0.48 3.40
C ILE B 209 8.44 1.18 2.55
N ASN B 210 8.96 0.45 1.56
CA ASN B 210 9.66 1.07 0.41
C ASN B 210 8.63 1.32 -0.68
N GLY B 211 8.31 2.57 -0.97
CA GLY B 211 7.24 2.90 -1.93
C GLY B 211 6.48 4.16 -1.58
N LYS B 212 5.18 4.12 -1.75
CA LYS B 212 4.30 5.31 -1.63
C LYS B 212 3.00 4.91 -0.94
N LEU B 213 2.41 5.87 -0.22
CA LEU B 213 1.03 5.75 0.33
C LEU B 213 0.22 6.86 -0.32
N LEU B 214 -0.72 6.47 -1.18
CA LEU B 214 -1.52 7.43 -1.99
C LEU B 214 -3.00 7.12 -1.67
N SER B 215 -3.57 7.88 -0.72
CA SER B 215 -4.91 7.66 -0.14
C SER B 215 -5.89 8.71 -0.64
N GLN B 216 -7.08 8.23 -1.01
CA GLN B 216 -8.25 9.08 -1.29
C GLN B 216 -9.04 9.39 0.00
N LYS B 217 -8.52 9.00 1.15
CA LYS B 217 -9.01 9.45 2.48
C LYS B 217 -7.79 9.83 3.30
N GLU B 218 -7.59 9.27 4.50
CA GLU B 218 -6.53 9.73 5.40
C GLU B 218 -5.43 8.65 5.53
N VAL B 219 -4.24 9.12 5.83
CA VAL B 219 -3.09 8.29 6.26
C VAL B 219 -2.81 8.50 7.74
N THR B 220 -2.60 7.42 8.47
CA THR B 220 -2.24 7.45 9.91
C THR B 220 -0.96 6.67 10.12
N LEU B 221 0.02 7.31 10.75
CA LEU B 221 1.35 6.74 10.98
C LEU B 221 1.64 6.69 12.48
N LEU B 222 2.25 5.58 12.91
CA LEU B 222 2.72 5.41 14.29
C LEU B 222 4.15 4.89 14.20
N GLY B 223 5.11 5.78 14.45
CA GLY B 223 6.54 5.44 14.43
C GLY B 223 6.95 4.57 13.25
N SER B 224 6.56 4.98 12.05
CA SER B 224 6.62 4.24 10.78
C SER B 224 7.69 4.82 9.87
N ASP B 225 8.29 3.96 9.05
CA ASP B 225 9.26 4.37 8.00
C ASP B 225 8.57 4.30 6.64
N ILE B 226 8.56 5.41 5.93
CA ILE B 226 7.98 5.48 4.58
C ILE B 226 9.07 6.04 3.68
N LEU B 227 9.70 5.18 2.90
CA LEU B 227 11.02 5.43 2.29
C LEU B 227 10.90 5.42 0.77
N THR B 228 11.46 6.45 0.12
CA THR B 228 11.59 6.48 -1.36
C THR B 228 12.65 5.44 -1.72
N PRO B 229 12.36 4.48 -2.62
CA PRO B 229 13.39 3.55 -3.08
C PRO B 229 14.49 4.25 -3.88
N ALA B 230 15.77 3.91 -3.64
CA ALA B 230 16.90 4.12 -4.59
C ALA B 230 16.46 3.73 -6.01
N SER C 6 45.34 -1.51 27.46
CA SER C 6 44.47 -0.49 26.79
C SER C 6 44.17 0.65 27.76
N PRO C 7 44.08 1.91 27.28
CA PRO C 7 43.72 3.03 28.15
C PRO C 7 42.29 2.86 28.69
N ALA C 8 42.01 3.43 29.84
CA ALA C 8 40.63 3.61 30.38
C ALA C 8 39.88 4.59 29.48
N PRO C 9 38.61 4.28 29.12
CA PRO C 9 37.82 5.17 28.29
C PRO C 9 37.75 6.56 28.94
N VAL C 10 37.46 7.57 28.13
CA VAL C 10 37.12 8.90 28.66
C VAL C 10 35.63 8.92 28.95
N ASP C 11 35.24 9.31 30.14
CA ASP C 11 33.81 9.40 30.52
C ASP C 11 33.27 10.74 30.00
N LEU C 12 32.34 10.70 29.09
CA LEU C 12 31.71 11.92 28.52
C LEU C 12 30.61 12.39 29.47
N GLY C 13 30.18 11.55 30.42
CA GLY C 13 29.07 11.91 31.31
C GLY C 13 27.89 12.47 30.52
N ARG C 14 27.31 13.56 31.00
CA ARG C 14 26.06 14.10 30.42
C ARG C 14 26.34 14.68 29.01
N ALA C 15 27.59 15.03 28.67
CA ALA C 15 27.93 15.42 27.29
C ALA C 15 27.61 14.27 26.30
N GLY C 16 27.75 13.03 26.73
CA GLY C 16 27.42 11.84 25.94
C GLY C 16 25.96 11.74 25.54
N ASP C 17 25.07 12.55 26.14
CA ASP C 17 23.63 12.59 25.79
C ASP C 17 23.41 13.26 24.44
N PHE C 18 24.43 13.89 23.89
CA PHE C 18 24.35 14.67 22.64
C PHE C 18 25.21 14.02 21.58
N VAL C 19 24.83 14.19 20.33
CA VAL C 19 25.69 13.92 19.16
C VAL C 19 26.43 15.21 18.75
N ILE C 20 25.84 16.39 18.92
CA ILE C 20 26.59 17.67 18.75
C ILE C 20 26.31 18.54 19.97
N LEU C 21 27.38 19.07 20.55
CA LEU C 21 27.30 20.03 21.67
C LEU C 21 28.33 21.10 21.40
N ALA C 22 27.90 22.37 21.46
CA ALA C 22 28.77 23.50 21.08
C ALA C 22 28.48 24.68 22.01
N LYS C 23 29.53 25.38 22.39
CA LYS C 23 29.41 26.57 23.25
C LYS C 23 29.00 27.82 22.47
N SER C 24 29.36 27.96 21.21
CA SER C 24 29.22 29.21 20.41
C SER C 24 28.31 29.02 19.20
N GLY C 25 27.68 27.86 19.00
CA GLY C 25 26.73 27.71 17.88
C GLY C 25 26.90 26.44 17.07
N ILE C 26 25.85 26.10 16.34
CA ILE C 26 25.85 25.02 15.33
C ILE C 26 25.14 25.60 14.12
N SER C 27 25.82 25.62 12.99
CA SER C 27 25.25 26.05 11.70
C SER C 27 25.11 24.86 10.76
N THR C 28 24.09 24.89 9.93
CA THR C 28 23.92 23.87 8.86
C THR C 28 23.40 24.56 7.61
N SER C 29 23.87 24.07 6.48
CA SER C 29 23.32 24.31 5.14
C SER C 29 23.32 22.99 4.37
N GLY C 30 22.39 22.82 3.43
CA GLY C 30 22.33 21.62 2.58
C GLY C 30 21.67 20.44 3.29
N ALA C 31 21.87 19.23 2.73
CA ALA C 31 21.15 17.98 3.10
C ALA C 31 21.86 17.31 4.28
N THR C 32 21.91 17.99 5.41
CA THR C 32 22.48 17.49 6.67
C THR C 32 21.51 16.47 7.30
N HIS C 33 22.07 15.41 7.87
CA HIS C 33 21.31 14.46 8.70
C HIS C 33 22.06 14.29 10.01
N VAL C 34 21.38 14.58 11.11
CA VAL C 34 21.90 14.35 12.47
C VAL C 34 21.04 13.28 13.12
N THR C 35 21.63 12.18 13.63
CA THR C 35 20.86 11.17 14.40
C THR C 35 21.30 11.31 15.85
N GLY C 36 20.53 12.08 16.63
CA GLY C 36 20.77 12.26 18.07
C GLY C 36 20.41 13.70 18.42
N ASP C 37 20.62 14.07 19.67
CA ASP C 37 20.25 15.40 20.20
C ASP C 37 21.42 16.37 19.98
N ILE C 38 21.10 17.64 19.81
CA ILE C 38 22.11 18.70 19.63
C ILE C 38 21.80 19.83 20.62
N GLY C 39 22.84 20.50 21.06
CA GLY C 39 22.71 21.51 22.13
C GLY C 39 23.71 22.61 21.94
N VAL C 40 23.28 23.83 22.28
CA VAL C 40 24.20 25.00 22.34
C VAL C 40 24.03 25.64 23.71
N SER C 41 25.15 25.98 24.31
CA SER C 41 25.19 26.66 25.62
C SER C 41 26.62 27.09 25.91
N PRO C 42 26.89 28.30 26.43
CA PRO C 42 25.87 29.19 26.96
C PRO C 42 25.15 30.13 25.97
N ILE C 43 25.53 30.09 24.69
CA ILE C 43 24.83 30.86 23.63
C ILE C 43 23.34 30.50 23.65
N ASP C 44 22.51 31.49 23.43
CA ASP C 44 21.05 31.34 23.23
C ASP C 44 20.71 30.70 21.87
N ARG C 45 19.42 30.51 21.63
CA ARG C 45 18.90 29.76 20.47
C ARG C 45 19.33 30.42 19.14
N THR C 46 19.73 31.72 19.09
CA THR C 46 20.21 32.30 17.82
C THR C 46 21.55 31.68 17.43
N GLY C 47 22.19 30.93 18.35
CA GLY C 47 23.38 30.13 18.03
C GLY C 47 23.06 28.90 17.13
N LEU C 48 21.78 28.51 17.03
CA LEU C 48 21.35 27.47 16.06
C LEU C 48 21.03 28.16 14.74
N THR C 49 21.83 27.95 13.71
CA THR C 49 21.55 28.60 12.41
C THR C 49 21.27 27.57 11.33
N GLY C 50 20.24 27.84 10.53
CA GLY C 50 19.89 27.01 9.37
C GLY C 50 18.97 25.84 9.63
N PHE C 51 18.55 25.62 10.87
CA PHE C 51 17.80 24.41 11.26
C PHE C 51 16.31 24.55 10.94
N SER C 52 15.78 25.73 10.64
CA SER C 52 14.32 25.87 10.37
C SER C 52 13.53 25.15 11.48
N GLU C 53 13.86 25.37 12.76
CA GLU C 53 13.35 24.51 13.86
C GLU C 53 12.00 25.04 14.33
N THR C 54 11.21 24.16 14.90
CA THR C 54 9.91 24.49 15.54
C THR C 54 9.99 24.08 17.01
N MET C 55 9.69 25.04 17.88
CA MET C 55 9.66 24.82 19.33
C MET C 55 8.59 23.79 19.67
N ASP C 56 8.91 22.90 20.61
CA ASP C 56 7.90 22.06 21.27
C ASP C 56 7.00 22.99 22.06
N PRO C 57 5.71 22.67 22.25
CA PRO C 57 4.87 23.56 23.06
C PRO C 57 5.28 23.72 24.52
N SER C 58 6.10 22.81 25.09
CA SER C 58 6.73 22.99 26.41
C SER C 58 7.80 24.09 26.38
N ASN C 59 8.30 24.46 25.19
CA ASN C 59 9.41 25.40 24.96
C ASN C 59 10.69 24.87 25.57
N THR C 60 10.79 23.57 25.84
CA THR C 60 12.02 23.01 26.46
C THR C 60 12.95 22.45 25.37
N PHE C 61 12.45 22.28 24.16
CA PHE C 61 13.26 21.77 23.02
C PHE C 61 12.58 22.19 21.72
N SER C 62 13.32 21.99 20.65
CA SER C 62 12.80 22.16 19.27
C SER C 62 13.11 20.94 18.41
N THR C 63 12.48 20.86 17.25
CA THR C 63 12.70 19.80 16.24
C THR C 63 12.99 20.44 14.90
N SER C 64 13.66 19.69 14.05
CA SER C 64 14.17 20.15 12.75
C SER C 64 14.17 18.99 11.78
N THR C 65 13.92 19.29 10.51
CA THR C 65 14.05 18.36 9.37
C THR C 65 15.50 17.82 9.30
N TYR C 66 16.49 18.53 9.82
CA TYR C 66 17.92 18.12 9.73
C TYR C 66 18.30 17.21 10.90
N VAL C 67 17.41 17.08 11.87
CA VAL C 67 17.68 16.29 13.09
C VAL C 67 16.63 15.18 13.10
N VAL C 68 17.06 14.02 12.68
CA VAL C 68 16.17 12.85 12.41
C VAL C 68 15.45 12.45 13.69
N ALA C 69 14.16 12.12 13.62
CA ALA C 69 13.39 11.74 14.82
C ALA C 69 14.01 10.49 15.44
N PRO C 70 14.05 10.37 16.78
CA PRO C 70 13.50 11.38 17.70
C PRO C 70 14.48 12.41 18.30
N GLY C 71 15.53 12.77 17.56
CA GLY C 71 16.54 13.74 17.98
C GLY C 71 15.90 15.10 18.18
N LYS C 72 16.38 15.81 19.20
CA LYS C 72 15.82 17.13 19.61
C LYS C 72 16.94 18.13 19.65
N LEU C 73 16.58 19.41 19.54
CA LEU C 73 17.52 20.55 19.67
C LEU C 73 17.25 21.23 21.02
N TYR C 74 18.33 21.64 21.67
CA TYR C 74 18.32 22.30 23.00
C TYR C 74 19.21 23.53 22.95
N ALA C 75 18.71 24.64 23.52
CA ALA C 75 19.51 25.89 23.59
C ALA C 75 19.37 26.50 24.99
N ALA C 76 20.37 27.30 25.38
CA ALA C 76 20.57 27.80 26.76
C ALA C 76 19.39 28.65 27.23
N ASP C 77 18.62 29.27 26.33
CA ASP C 77 17.49 30.17 26.70
C ASP C 77 16.13 29.48 26.54
N TYR C 78 16.10 28.15 26.35
CA TYR C 78 14.87 27.35 26.34
C TYR C 78 14.37 27.25 27.78
N ALA C 79 13.14 26.82 27.93
CA ALA C 79 12.45 26.74 29.24
C ALA C 79 13.16 25.72 30.13
N ASP C 80 13.07 25.93 31.44
CA ASP C 80 13.53 24.95 32.45
C ASP C 80 12.89 23.59 32.15
N PRO C 81 13.63 22.46 32.30
CA PRO C 81 14.99 22.41 32.86
C PRO C 81 16.16 22.40 31.87
N THR C 82 15.93 22.88 30.66
CA THR C 82 16.91 22.76 29.56
C THR C 82 18.18 23.56 29.87
N PRO C 83 18.12 24.82 30.39
CA PRO C 83 19.37 25.54 30.66
C PRO C 83 20.28 24.74 31.60
N ALA C 84 19.72 24.22 32.71
CA ALA C 84 20.47 23.39 33.67
C ALA C 84 20.99 22.13 32.99
N LYS C 85 20.18 21.50 32.12
CA LYS C 85 20.63 20.29 31.37
C LYS C 85 21.90 20.62 30.56
N LEU C 86 21.87 21.75 29.85
CA LEU C 86 23.00 22.16 28.98
C LEU C 86 24.19 22.59 29.83
N THR C 87 24.01 23.36 30.90
CA THR C 87 25.14 23.79 31.76
C THR C 87 25.89 22.54 32.26
N THR C 88 25.12 21.56 32.73
CA THR C 88 25.65 20.25 33.21
C THR C 88 26.42 19.55 32.08
N ALA C 89 25.85 19.46 30.88
CA ALA C 89 26.45 18.71 29.76
C ALA C 89 27.72 19.43 29.30
N VAL C 90 27.70 20.77 29.20
CA VAL C 90 28.91 21.51 28.78
C VAL C 90 30.03 21.30 29.80
N SER C 91 29.72 21.32 31.09
CA SER C 91 30.74 21.09 32.13
C SER C 91 31.37 19.70 31.95
N ALA C 92 30.56 18.71 31.60
CA ALA C 92 31.01 17.31 31.40
C ALA C 92 31.87 17.23 30.14
N MET C 93 31.57 18.05 29.13
CA MET C 93 32.38 18.12 27.87
C MET C 93 33.76 18.64 28.25
N GLU C 94 33.81 19.70 29.04
CA GLU C 94 35.08 20.35 29.46
C GLU C 94 35.87 19.34 30.30
N ALA C 95 35.20 18.64 31.21
CA ALA C 95 35.88 17.65 32.08
C ALA C 95 36.45 16.53 31.21
N ALA C 96 35.74 16.11 30.17
CA ALA C 96 36.18 15.00 29.28
C ALA C 96 37.38 15.49 28.43
N TYR C 97 37.31 16.71 27.91
CA TYR C 97 38.45 17.31 27.17
C TYR C 97 39.72 17.31 28.04
N THR C 98 39.59 17.72 29.31
CA THR C 98 40.71 17.84 30.28
C THR C 98 41.22 16.44 30.58
N ASP C 99 40.32 15.47 30.82
CA ASP C 99 40.71 14.07 31.11
C ASP C 99 41.49 13.54 29.91
N ALA C 100 40.94 13.62 28.72
CA ALA C 100 41.58 13.09 27.48
C ALA C 100 42.98 13.69 27.31
N GLY C 101 43.10 15.01 27.44
CA GLY C 101 44.31 15.79 27.26
C GLY C 101 45.34 15.52 28.34
N GLY C 102 44.95 15.03 29.51
CA GLY C 102 45.87 14.93 30.66
C GLY C 102 46.46 13.53 30.82
N ARG C 103 46.00 12.55 30.04
CA ARG C 103 46.50 11.15 30.15
C ARG C 103 47.99 11.17 29.87
N THR C 104 48.76 10.39 30.65
CA THR C 104 50.23 10.39 30.59
C THR C 104 50.68 9.30 29.62
N GLY C 105 51.91 9.39 29.12
CA GLY C 105 52.61 8.31 28.40
C GLY C 105 52.24 8.25 26.93
N GLY C 106 51.61 9.27 26.37
CA GLY C 106 51.18 9.23 24.96
C GLY C 106 52.36 8.94 24.07
N LEU C 107 52.12 8.20 23.02
CA LEU C 107 53.18 7.73 22.10
C LEU C 107 53.30 8.65 20.87
N SER C 108 54.48 8.64 20.23
CA SER C 108 54.72 9.47 19.02
C SER C 108 54.53 8.64 17.77
N VAL C 109 53.63 9.09 16.91
CA VAL C 109 53.37 8.40 15.61
C VAL C 109 54.28 9.04 14.58
N PRO C 110 55.09 8.27 13.84
CA PRO C 110 55.94 8.87 12.80
C PRO C 110 55.18 9.73 11.78
N GLY C 111 55.89 10.69 11.14
CA GLY C 111 55.36 11.57 10.09
C GLY C 111 55.16 13.02 10.55
N ALA C 112 55.55 13.36 11.77
CA ALA C 112 55.61 14.76 12.28
C ALA C 112 54.27 15.45 12.08
N GLY C 113 53.17 14.73 12.35
CA GLY C 113 51.81 15.30 12.26
C GLY C 113 51.01 14.67 11.13
N THR C 114 51.68 14.07 10.15
CA THR C 114 51.02 13.32 9.07
C THR C 114 50.86 11.87 9.51
N ILE C 115 49.65 11.33 9.31
CA ILE C 115 49.40 9.87 9.32
C ILE C 115 49.83 9.35 7.96
N LEU C 116 50.91 8.59 7.98
CA LEU C 116 51.60 8.16 6.75
C LEU C 116 50.78 7.03 6.15
N PRO C 117 51.03 6.70 4.88
CA PRO C 117 50.26 5.67 4.18
C PRO C 117 50.25 4.29 4.86
N ALA C 118 49.11 3.65 4.73
CA ALA C 118 48.86 2.27 5.19
C ALA C 118 49.25 2.16 6.65
N THR C 119 48.74 3.06 7.50
CA THR C 119 48.94 2.97 8.94
C THR C 119 47.70 2.32 9.60
N THR C 120 47.94 1.35 10.46
CA THR C 120 46.96 0.71 11.37
C THR C 120 47.43 0.93 12.80
N LEU C 121 46.63 1.61 13.64
CA LEU C 121 46.99 1.97 15.02
C LEU C 121 46.21 1.07 15.96
N PRO C 122 46.91 0.32 16.86
CA PRO C 122 46.27 -0.38 17.96
C PRO C 122 45.79 0.61 19.03
N ALA C 123 45.07 0.07 20.01
CA ALA C 123 44.64 0.83 21.22
C ALA C 123 45.83 1.56 21.84
N GLY C 124 45.61 2.76 22.34
CA GLY C 124 46.65 3.51 23.05
C GLY C 124 46.36 4.99 23.11
N VAL C 125 47.28 5.69 23.73
CA VAL C 125 47.27 7.18 23.80
C VAL C 125 48.35 7.66 22.85
N TYR C 126 48.00 8.53 21.90
CA TYR C 126 48.92 9.01 20.84
C TYR C 126 48.92 10.52 20.94
N THR C 127 50.10 11.14 20.93
CA THR C 127 50.25 12.57 21.28
C THR C 127 51.06 13.25 20.19
N TRP C 128 50.58 14.42 19.79
CA TRP C 128 51.25 15.37 18.90
C TRP C 128 51.21 16.78 19.51
N SER C 129 52.34 17.48 19.43
CA SER C 129 52.46 18.91 19.82
C SER C 129 52.14 19.79 18.60
N THR C 130 51.95 19.16 17.45
CA THR C 130 51.61 19.82 16.18
C THR C 130 50.14 19.54 15.92
N GLY C 131 49.68 19.91 14.75
CA GLY C 131 48.40 19.42 14.23
C GLY C 131 48.59 18.06 13.60
N VAL C 132 47.51 17.48 13.14
CA VAL C 132 47.49 16.12 12.53
C VAL C 132 46.73 16.24 11.23
N THR C 133 47.30 15.65 10.21
CA THR C 133 46.64 15.51 8.89
C THR C 133 46.54 14.02 8.57
N ILE C 134 45.44 13.64 7.92
CA ILE C 134 45.12 12.24 7.55
C ILE C 134 44.85 12.26 6.05
N PRO C 135 45.90 12.43 5.23
CA PRO C 135 45.70 12.67 3.80
C PRO C 135 45.31 11.40 3.01
N THR C 136 45.46 10.21 3.59
CA THR C 136 45.16 8.93 2.90
C THR C 136 44.30 8.01 3.77
N GLY C 137 43.90 8.43 4.95
CA GLY C 137 43.05 7.63 5.85
C GLY C 137 43.87 6.93 6.90
N VAL C 138 43.22 6.16 7.75
CA VAL C 138 43.92 5.42 8.83
C VAL C 138 42.98 4.29 9.25
N THR C 139 43.55 3.17 9.67
CA THR C 139 42.79 2.06 10.29
C THR C 139 43.06 2.05 11.77
N LEU C 140 42.02 1.88 12.59
CA LEU C 140 42.16 1.66 14.03
C LEU C 140 41.73 0.22 14.26
N GLU C 141 42.65 -0.60 14.78
CA GLU C 141 42.45 -2.08 14.88
C GLU C 141 42.53 -2.49 16.34
N GLY C 142 41.47 -3.10 16.84
CA GLY C 142 41.48 -3.69 18.17
C GLY C 142 40.14 -4.26 18.55
N GLY C 143 40.02 -4.54 19.85
CA GLY C 143 38.88 -5.28 20.44
C GLY C 143 37.73 -4.33 20.75
N PRO C 144 36.55 -4.89 21.10
CA PRO C 144 35.40 -4.08 21.48
C PRO C 144 35.62 -3.20 22.73
N ASP C 145 36.59 -3.51 23.59
CA ASP C 145 36.87 -2.75 24.84
C ASP C 145 38.09 -1.83 24.65
N ASP C 146 38.75 -1.95 23.51
CA ASP C 146 40.01 -1.22 23.24
C ASP C 146 39.65 0.28 23.11
N VAL C 147 40.52 1.15 23.63
CA VAL C 147 40.34 2.64 23.65
C VAL C 147 41.49 3.29 22.85
N TRP C 148 41.16 4.36 22.12
CA TRP C 148 42.11 5.21 21.40
C TRP C 148 41.92 6.63 21.91
N ILE C 149 42.98 7.25 22.38
CA ILE C 149 42.91 8.66 22.83
C ILE C 149 43.95 9.38 21.99
N PHE C 150 43.50 10.31 21.17
CA PHE C 150 44.38 11.16 20.33
C PHE C 150 44.49 12.52 21.01
N GLN C 151 45.73 12.89 21.38
CA GLN C 151 46.03 14.16 22.06
C GLN C 151 46.68 15.04 21.01
N ILE C 152 45.94 16.03 20.49
CA ILE C 152 46.41 16.81 19.33
C ILE C 152 46.44 18.28 19.72
N ALA C 153 47.63 18.85 19.88
CA ALA C 153 47.74 20.26 20.34
C ALA C 153 47.22 21.19 19.24
N GLY C 154 47.42 20.90 17.96
CA GLY C 154 47.08 21.79 16.84
C GLY C 154 45.76 21.43 16.19
N THR C 155 45.66 21.68 14.88
CA THR C 155 44.50 21.34 14.04
C THR C 155 44.42 19.83 13.81
N LEU C 156 43.26 19.41 13.33
CA LEU C 156 43.03 18.03 12.85
C LEU C 156 42.32 18.18 11.52
N ASP C 157 42.81 17.48 10.48
CA ASP C 157 42.17 17.50 9.15
C ASP C 157 42.22 16.07 8.65
N ILE C 158 41.13 15.66 8.00
CA ILE C 158 41.13 14.44 7.16
C ILE C 158 40.73 14.83 5.73
N ALA C 159 41.53 14.40 4.76
CA ALA C 159 41.42 14.94 3.39
C ALA C 159 40.13 14.45 2.71
N THR C 160 39.77 15.16 1.65
CA THR C 160 38.63 14.85 0.76
C THR C 160 38.52 13.35 0.56
N ASP C 161 37.35 12.79 0.85
CA ASP C 161 36.96 11.38 0.54
C ASP C 161 37.78 10.36 1.32
N MET C 162 38.63 10.75 2.28
CA MET C 162 39.42 9.75 3.04
C MET C 162 38.65 9.28 4.28
N GLN C 163 39.03 8.12 4.83
CA GLN C 163 38.23 7.40 5.85
C GLN C 163 39.09 6.95 7.03
N VAL C 164 38.52 7.08 8.23
CA VAL C 164 38.93 6.32 9.43
C VAL C 164 38.19 4.99 9.34
N LEU C 165 38.95 3.90 9.24
CA LEU C 165 38.42 2.54 9.10
C LEU C 165 38.60 1.84 10.44
N LEU C 166 37.58 1.15 10.91
CA LEU C 166 37.66 0.36 12.17
C LEU C 166 37.77 -1.12 11.80
N LYS C 167 38.56 -1.85 12.56
CA LYS C 167 38.81 -3.29 12.30
C LYS C 167 38.93 -4.03 13.62
N GLY C 168 38.41 -5.27 13.68
CA GLY C 168 38.66 -6.22 14.77
C GLY C 168 37.63 -6.12 15.89
N GLY C 169 36.63 -5.23 15.75
CA GLY C 169 35.69 -4.94 16.84
C GLY C 169 35.90 -3.57 17.52
N ALA C 170 36.96 -2.82 17.19
CA ALA C 170 37.07 -1.39 17.57
C ALA C 170 35.71 -0.71 17.39
N GLN C 171 35.31 0.11 18.37
CA GLN C 171 33.98 0.78 18.42
C GLN C 171 34.17 2.30 18.53
N ALA C 172 33.33 3.07 17.83
CA ALA C 172 33.36 4.55 17.84
C ALA C 172 33.23 5.11 19.25
N LYS C 173 32.43 4.49 20.14
CA LYS C 173 32.24 5.03 21.51
C LYS C 173 33.54 4.99 22.30
N ASN C 174 34.54 4.21 21.86
CA ASN C 174 35.82 4.05 22.60
C ASN C 174 36.99 4.80 21.95
N ILE C 175 36.67 5.77 21.10
CA ILE C 175 37.70 6.55 20.35
C ILE C 175 37.49 8.03 20.69
N PHE C 176 38.54 8.70 21.13
CA PHE C 176 38.48 10.10 21.58
C PHE C 176 39.56 10.88 20.87
N TRP C 177 39.15 12.02 20.29
CA TRP C 177 40.06 12.95 19.60
C TRP C 177 40.06 14.25 20.40
N GLN C 178 41.10 14.51 21.19
CA GLN C 178 41.22 15.77 21.95
C GLN C 178 42.02 16.70 21.05
N VAL C 179 41.39 17.80 20.62
CA VAL C 179 41.99 18.66 19.57
C VAL C 179 42.03 20.10 20.06
N GLY C 180 43.23 20.69 20.12
CA GLY C 180 43.41 22.03 20.68
C GLY C 180 43.08 23.16 19.72
N ASP C 181 42.95 22.88 18.42
CA ASP C 181 42.74 23.91 17.38
C ASP C 181 41.68 23.36 16.42
N VAL C 182 41.45 24.08 15.33
CA VAL C 182 40.32 23.82 14.40
C VAL C 182 40.37 22.39 13.86
N VAL C 183 39.21 21.72 13.89
CA VAL C 183 39.01 20.41 13.25
C VAL C 183 38.28 20.64 11.93
N THR C 184 38.83 20.12 10.84
CA THR C 184 38.18 20.16 9.51
C THR C 184 38.04 18.75 8.93
N LEU C 185 36.80 18.30 8.74
CA LEU C 185 36.51 17.02 8.11
C LEU C 185 36.15 17.34 6.65
N HIS C 186 37.05 17.08 5.72
CA HIS C 186 36.91 17.62 4.35
C HIS C 186 35.79 16.87 3.59
N ALA C 187 35.39 17.46 2.46
CA ALA C 187 34.25 17.00 1.65
C ALA C 187 34.36 15.49 1.42
N GLY C 188 33.27 14.74 1.63
CA GLY C 188 33.22 13.30 1.34
C GLY C 188 34.04 12.49 2.33
N SER C 189 34.73 13.06 3.31
CA SER C 189 35.46 12.25 4.29
C SER C 189 34.52 11.46 5.20
N HIS C 190 35.04 10.41 5.84
CA HIS C 190 34.33 9.62 6.89
C HIS C 190 35.20 9.48 8.13
N PHE C 191 34.63 9.84 9.28
CA PHE C 191 35.31 9.85 10.57
C PHE C 191 34.60 8.90 11.53
N GLU C 192 35.31 8.54 12.60
CA GLU C 192 34.84 7.72 13.73
C GLU C 192 35.32 8.29 15.06
N GLY C 193 34.42 8.28 16.02
CA GLY C 193 34.71 8.59 17.41
C GLY C 193 34.18 9.95 17.85
N ASN C 194 34.60 10.27 19.04
CA ASN C 194 34.17 11.43 19.84
C ASN C 194 35.20 12.54 19.63
N ILE C 195 34.82 13.63 18.99
CA ILE C 195 35.75 14.77 18.78
C ILE C 195 35.53 15.78 19.90
N LEU C 196 36.52 15.92 20.78
CA LEU C 196 36.55 16.87 21.90
C LEU C 196 37.39 18.04 21.43
N GLY C 197 36.74 18.98 20.74
CA GLY C 197 37.40 20.13 20.11
C GLY C 197 37.44 21.33 21.01
N PHE C 198 38.58 21.98 21.16
CA PHE C 198 38.69 23.24 21.94
C PHE C 198 38.14 24.41 21.12
N SER C 199 38.18 24.28 19.80
CA SER C 199 37.86 25.34 18.85
C SER C 199 36.76 24.86 17.88
N THR C 200 36.71 25.50 16.74
CA THR C 200 35.80 25.18 15.64
C THR C 200 35.87 23.69 15.28
N ILE C 201 34.72 23.10 15.02
CA ILE C 201 34.62 21.80 14.31
C ILE C 201 33.81 22.04 13.06
N ALA C 202 34.44 21.91 11.89
CA ALA C 202 33.81 22.14 10.56
C ALA C 202 33.69 20.80 9.81
N MET C 203 32.49 20.52 9.32
CA MET C 203 32.28 19.42 8.33
C MET C 203 31.90 20.02 6.98
N GLN C 204 32.55 19.52 5.93
CA GLN C 204 32.35 19.98 4.54
C GLN C 204 31.36 19.05 3.82
N THR C 205 30.93 19.44 2.61
CA THR C 205 29.83 18.75 1.87
C THR C 205 30.04 17.24 1.85
N GLY C 206 29.06 16.45 2.26
CA GLY C 206 29.04 14.98 2.20
C GLY C 206 30.04 14.31 3.12
N ALA C 207 30.70 15.04 4.03
CA ALA C 207 31.46 14.44 5.14
C ALA C 207 30.49 13.74 6.09
N SER C 208 30.95 12.67 6.71
CA SER C 208 30.18 11.91 7.69
C SER C 208 31.05 11.54 8.88
N ILE C 209 30.38 11.36 10.01
CA ILE C 209 31.03 10.80 11.21
C ILE C 209 30.05 9.88 11.91
N ASN C 210 30.53 8.73 12.37
CA ASN C 210 29.89 7.91 13.42
C ASN C 210 30.52 8.27 14.75
N GLY C 211 29.85 9.08 15.56
CA GLY C 211 30.46 9.59 16.78
C GLY C 211 29.82 10.88 17.23
N LYS C 212 30.62 11.80 17.78
CA LYS C 212 30.10 13.01 18.42
C LYS C 212 30.96 14.22 18.01
N LEU C 213 30.34 15.40 17.90
CA LEU C 213 31.09 16.67 17.72
C LEU C 213 30.90 17.46 18.99
N LEU C 214 31.93 17.61 19.80
CA LEU C 214 31.81 18.24 21.12
C LEU C 214 32.79 19.41 21.18
N SER C 215 32.30 20.59 20.88
CA SER C 215 33.12 21.80 20.64
C SER C 215 32.98 22.81 21.79
N GLN C 216 34.11 23.40 22.18
CA GLN C 216 34.13 24.53 23.13
C GLN C 216 34.06 25.85 22.34
N LYS C 217 33.84 25.76 21.04
CA LYS C 217 33.47 26.95 20.25
C LYS C 217 32.29 26.58 19.39
N GLU C 218 32.39 26.79 18.08
CA GLU C 218 31.21 26.52 17.20
C GLU C 218 31.43 25.31 16.28
N VAL C 219 30.31 24.75 15.81
CA VAL C 219 30.30 23.64 14.84
C VAL C 219 29.66 24.14 13.55
N THR C 220 30.26 23.84 12.39
CA THR C 220 29.71 24.22 11.07
C THR C 220 29.53 22.97 10.24
N LEU C 221 28.32 22.79 9.71
CA LEU C 221 27.94 21.61 8.90
C LEU C 221 27.56 22.05 7.48
N LEU C 222 28.04 21.34 6.47
CA LEU C 222 27.58 21.55 5.07
C LEU C 222 27.18 20.20 4.51
N GLY C 223 25.89 19.93 4.35
CA GLY C 223 25.33 18.63 3.87
C GLY C 223 26.08 17.45 4.47
N SER C 224 26.16 17.40 5.78
CA SER C 224 26.98 16.44 6.56
C SER C 224 26.07 15.45 7.29
N ASP C 225 26.56 14.23 7.53
CA ASP C 225 25.91 13.20 8.37
C ASP C 225 26.66 13.06 9.68
N ILE C 226 25.94 13.26 10.78
CA ILE C 226 26.47 13.09 12.15
C ILE C 226 25.59 12.05 12.80
N LEU C 227 26.12 10.85 12.92
CA LEU C 227 25.31 9.65 13.21
C LEU C 227 25.78 9.07 14.54
N THR C 228 24.82 8.85 15.46
CA THR C 228 25.05 7.92 16.58
C THR C 228 25.38 6.56 15.95
N PRO C 229 26.45 5.86 16.37
CA PRO C 229 26.69 4.50 15.90
C PRO C 229 25.76 3.50 16.61
#